data_3HGL
# 
_entry.id   3HGL 
# 
_audit_conform.dict_name       mmcif_pdbx.dic 
_audit_conform.dict_version    5.398 
_audit_conform.dict_location   http://mmcif.pdb.org/dictionaries/ascii/mmcif_pdbx.dic 
# 
loop_
_database_2.database_id 
_database_2.database_code 
_database_2.pdbx_database_accession 
_database_2.pdbx_DOI 
PDB   3HGL         pdb_00003hgl 10.2210/pdb3hgl/pdb 
RCSB  RCSB053108   ?            ?                   
WWPDB D_1000053108 ?            ?                   
# 
loop_
_pdbx_audit_revision_history.ordinal 
_pdbx_audit_revision_history.data_content_type 
_pdbx_audit_revision_history.major_revision 
_pdbx_audit_revision_history.minor_revision 
_pdbx_audit_revision_history.revision_date 
1 'Structure model' 1 0 2009-06-23 
2 'Structure model' 1 1 2011-07-13 
3 'Structure model' 1 2 2024-10-30 
# 
_pdbx_audit_revision_details.ordinal             1 
_pdbx_audit_revision_details.revision_ordinal    1 
_pdbx_audit_revision_details.data_content_type   'Structure model' 
_pdbx_audit_revision_details.provider            repository 
_pdbx_audit_revision_details.type                'Initial release' 
_pdbx_audit_revision_details.description         ? 
_pdbx_audit_revision_details.details             ? 
# 
loop_
_pdbx_audit_revision_group.ordinal 
_pdbx_audit_revision_group.revision_ordinal 
_pdbx_audit_revision_group.data_content_type 
_pdbx_audit_revision_group.group 
1 2 'Structure model' 'Version format compliance' 
2 3 'Structure model' 'Data collection'           
3 3 'Structure model' 'Database references'       
4 3 'Structure model' 'Derived calculations'      
5 3 'Structure model' 'Structure summary'         
# 
loop_
_pdbx_audit_revision_category.ordinal 
_pdbx_audit_revision_category.revision_ordinal 
_pdbx_audit_revision_category.data_content_type 
_pdbx_audit_revision_category.category 
1 3 'Structure model' chem_comp_atom            
2 3 'Structure model' chem_comp_bond            
3 3 'Structure model' database_2                
4 3 'Structure model' pdbx_entry_details        
5 3 'Structure model' pdbx_modification_feature 
6 3 'Structure model' struct_conn               
# 
loop_
_pdbx_audit_revision_item.ordinal 
_pdbx_audit_revision_item.revision_ordinal 
_pdbx_audit_revision_item.data_content_type 
_pdbx_audit_revision_item.item 
1 3 'Structure model' '_database_2.pdbx_DOI'                
2 3 'Structure model' '_database_2.pdbx_database_accession' 
3 3 'Structure model' '_struct_conn.pdbx_leaving_atom_flag' 
# 
_pdbx_database_status.status_code                     REL 
_pdbx_database_status.entry_id                        3HGL 
_pdbx_database_status.recvd_initial_deposition_date   2009-05-14 
_pdbx_database_status.deposit_site                    RCSB 
_pdbx_database_status.process_site                    PDBJ 
_pdbx_database_status.status_code_sf                  REL 
_pdbx_database_status.status_code_mr                  ? 
_pdbx_database_status.SG_entry                        ? 
_pdbx_database_status.pdb_format_compatible           Y 
_pdbx_database_status.status_code_cs                  ? 
_pdbx_database_status.status_code_nmr_data            ? 
_pdbx_database_status.methods_development_category    ? 
# 
_pdbx_database_related.db_name        PDB 
_pdbx_database_related.db_id          3HGK 
_pdbx_database_related.details        'structure of AvrptoB (residues 121-205) by itself' 
_pdbx_database_related.content_type   unspecified 
# 
loop_
_audit_author.name 
_audit_author.pdbx_ordinal 
'Dong, J.'     1 
'Xiao, F.'     2 
'Fan, F.'      3 
'Gu, L.'       4 
'Cang, H.'     5 
'Martin, G.B.' 6 
'Chai, J.'     7 
# 
_citation.id                        primary 
_citation.title                     
;Crystal Structure of the Complex between Pseudomonas Effector AvrPtoB and the Tomato Pto Kinase Reveals Both a Shared and a Unique Interface Compared with AvrPto-Pto
;
_citation.journal_abbrev            'Plant Cell' 
_citation.journal_volume            21 
_citation.page_first                1846 
_citation.page_last                 1859 
_citation.year                      2009 
_citation.journal_id_ASTM           PLCEEW 
_citation.country                   US 
_citation.journal_id_ISSN           1040-4651 
_citation.journal_id_CSD            2109 
_citation.book_publisher            ? 
_citation.pdbx_database_id_PubMed   19509331 
_citation.pdbx_database_id_DOI      10.1105/tpc.109.066878 
# 
loop_
_citation_author.citation_id 
_citation_author.name 
_citation_author.ordinal 
_citation_author.identifier_ORCID 
primary 'Dong, J.'     1 ? 
primary 'Xiao, F.'     2 ? 
primary 'Fan, F.'      3 ? 
primary 'Gu, L.'       4 ? 
primary 'Cang, H.'     5 ? 
primary 'Martin, G.B.' 6 ? 
primary 'Chai, J.'     7 ? 
# 
loop_
_entity.id 
_entity.type 
_entity.src_method 
_entity.pdbx_description 
_entity.formula_weight 
_entity.pdbx_number_of_molecules 
_entity.pdbx_ec 
_entity.pdbx_mutation 
_entity.pdbx_fragment 
_entity.details 
1 polymer man 'Effector protein hopAB2' 9616.225 1  6.3.2.- ? 'UNP residues 121-205' ? 
2 water   nat water                     18.015   61 ?       ? ?                      ? 
# 
_entity_name_com.entity_id   1 
_entity_name_com.name        'AvrPtoB, Avirulence protein avrPtoB, E3 ubiquitin-protein ligase' 
# 
_entity_poly.entity_id                      1 
_entity_poly.type                           'polypeptide(L)' 
_entity_poly.nstd_linkage                   no 
_entity_poly.nstd_monomer                   yes 
_entity_poly.pdbx_seq_one_letter_code       
;PRRGAVAHANSIVQQLVSEGADISHTRN(MSE)LRNA(MSE)NGDAVAFSRVEQNIFRQHFPN(MSE)P(MSE)HGISRD
SELAIELRGALRRAVHQQAAS
;
_entity_poly.pdbx_seq_one_letter_code_can   
;PRRGAVAHANSIVQQLVSEGADISHTRNMLRNAMNGDAVAFSRVEQNIFRQHFPNMPMHGISRDSELAIELRGALRRAVH
QQAAS
;
_entity_poly.pdbx_strand_id                 A 
_entity_poly.pdbx_target_identifier         ? 
# 
_pdbx_entity_nonpoly.entity_id   2 
_pdbx_entity_nonpoly.name        water 
_pdbx_entity_nonpoly.comp_id     HOH 
# 
loop_
_entity_poly_seq.entity_id 
_entity_poly_seq.num 
_entity_poly_seq.mon_id 
_entity_poly_seq.hetero 
1 1  PRO n 
1 2  ARG n 
1 3  ARG n 
1 4  GLY n 
1 5  ALA n 
1 6  VAL n 
1 7  ALA n 
1 8  HIS n 
1 9  ALA n 
1 10 ASN n 
1 11 SER n 
1 12 ILE n 
1 13 VAL n 
1 14 GLN n 
1 15 GLN n 
1 16 LEU n 
1 17 VAL n 
1 18 SER n 
1 19 GLU n 
1 20 GLY n 
1 21 ALA n 
1 22 ASP n 
1 23 ILE n 
1 24 SER n 
1 25 HIS n 
1 26 THR n 
1 27 ARG n 
1 28 ASN n 
1 29 MSE n 
1 30 LEU n 
1 31 ARG n 
1 32 ASN n 
1 33 ALA n 
1 34 MSE n 
1 35 ASN n 
1 36 GLY n 
1 37 ASP n 
1 38 ALA n 
1 39 VAL n 
1 40 ALA n 
1 41 PHE n 
1 42 SER n 
1 43 ARG n 
1 44 VAL n 
1 45 GLU n 
1 46 GLN n 
1 47 ASN n 
1 48 ILE n 
1 49 PHE n 
1 50 ARG n 
1 51 GLN n 
1 52 HIS n 
1 53 PHE n 
1 54 PRO n 
1 55 ASN n 
1 56 MSE n 
1 57 PRO n 
1 58 MSE n 
1 59 HIS n 
1 60 GLY n 
1 61 ILE n 
1 62 SER n 
1 63 ARG n 
1 64 ASP n 
1 65 SER n 
1 66 GLU n 
1 67 LEU n 
1 68 ALA n 
1 69 ILE n 
1 70 GLU n 
1 71 LEU n 
1 72 ARG n 
1 73 GLY n 
1 74 ALA n 
1 75 LEU n 
1 76 ARG n 
1 77 ARG n 
1 78 ALA n 
1 79 VAL n 
1 80 HIS n 
1 81 GLN n 
1 82 GLN n 
1 83 ALA n 
1 84 ALA n 
1 85 SER n 
# 
_entity_src_gen.entity_id                          1 
_entity_src_gen.pdbx_src_id                        1 
_entity_src_gen.pdbx_alt_source_flag               sample 
_entity_src_gen.pdbx_seq_type                      ? 
_entity_src_gen.pdbx_beg_seq_num                   ? 
_entity_src_gen.pdbx_end_seq_num                   ? 
_entity_src_gen.gene_src_common_name               ? 
_entity_src_gen.gene_src_genus                     ? 
_entity_src_gen.pdbx_gene_src_gene                 'hopAB2, avrPtoB, PSPTO_3087' 
_entity_src_gen.gene_src_species                   ? 
_entity_src_gen.gene_src_strain                    ? 
_entity_src_gen.gene_src_tissue                    ? 
_entity_src_gen.gene_src_tissue_fraction           ? 
_entity_src_gen.gene_src_details                   ? 
_entity_src_gen.pdbx_gene_src_fragment             ? 
_entity_src_gen.pdbx_gene_src_scientific_name      'Pseudomonas syringae pv. tomato' 
_entity_src_gen.pdbx_gene_src_ncbi_taxonomy_id     323 
_entity_src_gen.pdbx_gene_src_variant              ? 
_entity_src_gen.pdbx_gene_src_cell_line            ? 
_entity_src_gen.pdbx_gene_src_atcc                 ? 
_entity_src_gen.pdbx_gene_src_organ                ? 
_entity_src_gen.pdbx_gene_src_organelle            ? 
_entity_src_gen.pdbx_gene_src_cell                 ? 
_entity_src_gen.pdbx_gene_src_cellular_location    ? 
_entity_src_gen.host_org_common_name               ? 
_entity_src_gen.pdbx_host_org_scientific_name      'Escherichia coli' 
_entity_src_gen.pdbx_host_org_ncbi_taxonomy_id     562 
_entity_src_gen.host_org_genus                     ? 
_entity_src_gen.pdbx_host_org_gene                 ? 
_entity_src_gen.pdbx_host_org_organ                ? 
_entity_src_gen.host_org_species                   ? 
_entity_src_gen.pdbx_host_org_tissue               ? 
_entity_src_gen.pdbx_host_org_tissue_fraction      ? 
_entity_src_gen.pdbx_host_org_strain               ? 
_entity_src_gen.pdbx_host_org_variant              ? 
_entity_src_gen.pdbx_host_org_cell_line            ? 
_entity_src_gen.pdbx_host_org_atcc                 ? 
_entity_src_gen.pdbx_host_org_culture_collection   ? 
_entity_src_gen.pdbx_host_org_cell                 ? 
_entity_src_gen.pdbx_host_org_organelle            ? 
_entity_src_gen.pdbx_host_org_cellular_location    ? 
_entity_src_gen.pdbx_host_org_vector_type          plasmid 
_entity_src_gen.pdbx_host_org_vector               ? 
_entity_src_gen.host_org_details                   ? 
_entity_src_gen.expression_system_id               ? 
_entity_src_gen.plasmid_name                       PGEX-6P-1 
_entity_src_gen.plasmid_details                    ? 
_entity_src_gen.pdbx_description                   ? 
# 
loop_
_chem_comp.id 
_chem_comp.type 
_chem_comp.mon_nstd_flag 
_chem_comp.name 
_chem_comp.pdbx_synonyms 
_chem_comp.formula 
_chem_comp.formula_weight 
ALA 'L-peptide linking' y ALANINE          ? 'C3 H7 N O2'     89.093  
ARG 'L-peptide linking' y ARGININE         ? 'C6 H15 N4 O2 1' 175.209 
ASN 'L-peptide linking' y ASPARAGINE       ? 'C4 H8 N2 O3'    132.118 
ASP 'L-peptide linking' y 'ASPARTIC ACID'  ? 'C4 H7 N O4'     133.103 
GLN 'L-peptide linking' y GLUTAMINE        ? 'C5 H10 N2 O3'   146.144 
GLU 'L-peptide linking' y 'GLUTAMIC ACID'  ? 'C5 H9 N O4'     147.129 
GLY 'peptide linking'   y GLYCINE          ? 'C2 H5 N O2'     75.067  
HIS 'L-peptide linking' y HISTIDINE        ? 'C6 H10 N3 O2 1' 156.162 
HOH non-polymer         . WATER            ? 'H2 O'           18.015  
ILE 'L-peptide linking' y ISOLEUCINE       ? 'C6 H13 N O2'    131.173 
LEU 'L-peptide linking' y LEUCINE          ? 'C6 H13 N O2'    131.173 
MSE 'L-peptide linking' n SELENOMETHIONINE ? 'C5 H11 N O2 Se' 196.106 
PHE 'L-peptide linking' y PHENYLALANINE    ? 'C9 H11 N O2'    165.189 
PRO 'L-peptide linking' y PROLINE          ? 'C5 H9 N O2'     115.130 
SER 'L-peptide linking' y SERINE           ? 'C3 H7 N O3'     105.093 
THR 'L-peptide linking' y THREONINE        ? 'C4 H9 N O3'     119.119 
VAL 'L-peptide linking' y VALINE           ? 'C5 H11 N O2'    117.146 
# 
loop_
_pdbx_poly_seq_scheme.asym_id 
_pdbx_poly_seq_scheme.entity_id 
_pdbx_poly_seq_scheme.seq_id 
_pdbx_poly_seq_scheme.mon_id 
_pdbx_poly_seq_scheme.ndb_seq_num 
_pdbx_poly_seq_scheme.pdb_seq_num 
_pdbx_poly_seq_scheme.auth_seq_num 
_pdbx_poly_seq_scheme.pdb_mon_id 
_pdbx_poly_seq_scheme.auth_mon_id 
_pdbx_poly_seq_scheme.pdb_strand_id 
_pdbx_poly_seq_scheme.pdb_ins_code 
_pdbx_poly_seq_scheme.hetero 
A 1 1  PRO 1  -2 ?  ?   ?   A . n 
A 1 2  ARG 2  -1 ?  ?   ?   A . n 
A 1 3  ARG 3  0  ?  ?   ?   A . n 
A 1 4  GLY 4  1  1  GLY GLY A . n 
A 1 5  ALA 5  2  2  ALA ALA A . n 
A 1 6  VAL 6  3  3  VAL VAL A . n 
A 1 7  ALA 7  4  4  ALA ALA A . n 
A 1 8  HIS 8  5  5  HIS HIS A . n 
A 1 9  ALA 9  6  6  ALA ALA A . n 
A 1 10 ASN 10 7  7  ASN ASN A . n 
A 1 11 SER 11 8  8  SER SER A . n 
A 1 12 ILE 12 9  9  ILE ILE A . n 
A 1 13 VAL 13 10 10 VAL VAL A . n 
A 1 14 GLN 14 11 11 GLN GLN A . n 
A 1 15 GLN 15 12 12 GLN GLN A . n 
A 1 16 LEU 16 13 13 LEU LEU A . n 
A 1 17 VAL 17 14 14 VAL VAL A . n 
A 1 18 SER 18 15 15 SER SER A . n 
A 1 19 GLU 19 16 16 GLU GLU A . n 
A 1 20 GLY 20 17 17 GLY GLY A . n 
A 1 21 ALA 21 18 18 ALA ALA A . n 
A 1 22 ASP 22 19 19 ASP ASP A . n 
A 1 23 ILE 23 20 20 ILE ILE A . n 
A 1 24 SER 24 21 21 SER SER A . n 
A 1 25 HIS 25 22 22 HIS HIS A . n 
A 1 26 THR 26 23 23 THR THR A . n 
A 1 27 ARG 27 24 24 ARG ARG A . n 
A 1 28 ASN 28 25 25 ASN ASN A . n 
A 1 29 MSE 29 26 26 MSE MSE A . n 
A 1 30 LEU 30 27 27 LEU LEU A . n 
A 1 31 ARG 31 28 28 ARG ARG A . n 
A 1 32 ASN 32 29 29 ASN ASN A . n 
A 1 33 ALA 33 30 30 ALA ALA A . n 
A 1 34 MSE 34 31 31 MSE MSE A . n 
A 1 35 ASN 35 32 32 ASN ASN A . n 
A 1 36 GLY 36 33 33 GLY GLY A . n 
A 1 37 ASP 37 34 34 ASP ASP A . n 
A 1 38 ALA 38 35 35 ALA ALA A . n 
A 1 39 VAL 39 36 36 VAL VAL A . n 
A 1 40 ALA 40 37 37 ALA ALA A . n 
A 1 41 PHE 41 38 38 PHE PHE A . n 
A 1 42 SER 42 39 39 SER SER A . n 
A 1 43 ARG 43 40 40 ARG ARG A . n 
A 1 44 VAL 44 41 41 VAL VAL A . n 
A 1 45 GLU 45 42 42 GLU GLU A . n 
A 1 46 GLN 46 43 43 GLN GLN A . n 
A 1 47 ASN 47 44 44 ASN ASN A . n 
A 1 48 ILE 48 45 45 ILE ILE A . n 
A 1 49 PHE 49 46 46 PHE PHE A . n 
A 1 50 ARG 50 47 47 ARG ARG A . n 
A 1 51 GLN 51 48 48 GLN GLN A . n 
A 1 52 HIS 52 49 49 HIS HIS A . n 
A 1 53 PHE 53 50 50 PHE PHE A . n 
A 1 54 PRO 54 51 51 PRO PRO A . n 
A 1 55 ASN 55 52 52 ASN ASN A . n 
A 1 56 MSE 56 53 53 MSE MSE A . n 
A 1 57 PRO 57 54 54 PRO PRO A . n 
A 1 58 MSE 58 55 55 MSE MSE A . n 
A 1 59 HIS 59 56 56 HIS HIS A . n 
A 1 60 GLY 60 57 57 GLY GLY A . n 
A 1 61 ILE 61 58 58 ILE ILE A . n 
A 1 62 SER 62 59 59 SER SER A . n 
A 1 63 ARG 63 60 60 ARG ARG A . n 
A 1 64 ASP 64 61 61 ASP ASP A . n 
A 1 65 SER 65 62 62 SER SER A . n 
A 1 66 GLU 66 63 63 GLU GLU A . n 
A 1 67 LEU 67 64 64 LEU LEU A . n 
A 1 68 ALA 68 65 65 ALA ALA A . n 
A 1 69 ILE 69 66 66 ILE ILE A . n 
A 1 70 GLU 70 67 67 GLU GLU A . n 
A 1 71 LEU 71 68 68 LEU LEU A . n 
A 1 72 ARG 72 69 69 ARG ARG A . n 
A 1 73 GLY 73 70 70 GLY GLY A . n 
A 1 74 ALA 74 71 71 ALA ALA A . n 
A 1 75 LEU 75 72 72 LEU LEU A . n 
A 1 76 ARG 76 73 73 ARG ARG A . n 
A 1 77 ARG 77 74 74 ARG ARG A . n 
A 1 78 ALA 78 75 75 ALA ALA A . n 
A 1 79 VAL 79 76 76 VAL VAL A . n 
A 1 80 HIS 80 77 77 HIS HIS A . n 
A 1 81 GLN 81 78 78 GLN GLN A . n 
A 1 82 GLN 82 79 ?  ?   ?   A . n 
A 1 83 ALA 83 80 ?  ?   ?   A . n 
A 1 84 ALA 84 81 ?  ?   ?   A . n 
A 1 85 SER 85 82 ?  ?   ?   A . n 
# 
loop_
_pdbx_nonpoly_scheme.asym_id 
_pdbx_nonpoly_scheme.entity_id 
_pdbx_nonpoly_scheme.mon_id 
_pdbx_nonpoly_scheme.ndb_seq_num 
_pdbx_nonpoly_scheme.pdb_seq_num 
_pdbx_nonpoly_scheme.auth_seq_num 
_pdbx_nonpoly_scheme.pdb_mon_id 
_pdbx_nonpoly_scheme.auth_mon_id 
_pdbx_nonpoly_scheme.pdb_strand_id 
_pdbx_nonpoly_scheme.pdb_ins_code 
B 2 HOH 1  83  1  HOH TIP A . 
B 2 HOH 2  84  2  HOH TIP A . 
B 2 HOH 3  85  3  HOH TIP A . 
B 2 HOH 4  86  4  HOH TIP A . 
B 2 HOH 5  87  5  HOH TIP A . 
B 2 HOH 6  88  6  HOH TIP A . 
B 2 HOH 7  89  7  HOH TIP A . 
B 2 HOH 8  90  8  HOH TIP A . 
B 2 HOH 9  91  9  HOH TIP A . 
B 2 HOH 10 92  10 HOH TIP A . 
B 2 HOH 11 93  11 HOH TIP A . 
B 2 HOH 12 94  12 HOH TIP A . 
B 2 HOH 13 95  13 HOH TIP A . 
B 2 HOH 14 96  14 HOH TIP A . 
B 2 HOH 15 97  15 HOH TIP A . 
B 2 HOH 16 98  16 HOH TIP A . 
B 2 HOH 17 99  17 HOH TIP A . 
B 2 HOH 18 100 18 HOH TIP A . 
B 2 HOH 19 101 19 HOH TIP A . 
B 2 HOH 20 102 20 HOH TIP A . 
B 2 HOH 21 103 21 HOH TIP A . 
B 2 HOH 22 104 22 HOH TIP A . 
B 2 HOH 23 105 23 HOH TIP A . 
B 2 HOH 24 106 24 HOH TIP A . 
B 2 HOH 25 107 25 HOH TIP A . 
B 2 HOH 26 108 26 HOH TIP A . 
B 2 HOH 27 109 27 HOH TIP A . 
B 2 HOH 28 110 28 HOH TIP A . 
B 2 HOH 29 111 29 HOH TIP A . 
B 2 HOH 30 112 30 HOH TIP A . 
B 2 HOH 31 113 31 HOH TIP A . 
B 2 HOH 32 114 32 HOH TIP A . 
B 2 HOH 33 115 33 HOH TIP A . 
B 2 HOH 34 116 34 HOH TIP A . 
B 2 HOH 35 117 35 HOH TIP A . 
B 2 HOH 36 118 36 HOH TIP A . 
B 2 HOH 37 119 37 HOH TIP A . 
B 2 HOH 38 120 38 HOH TIP A . 
B 2 HOH 39 121 39 HOH TIP A . 
B 2 HOH 40 122 40 HOH TIP A . 
B 2 HOH 41 123 41 HOH TIP A . 
B 2 HOH 42 124 42 HOH TIP A . 
B 2 HOH 43 125 43 HOH TIP A . 
B 2 HOH 44 126 44 HOH TIP A . 
B 2 HOH 45 127 45 HOH TIP A . 
B 2 HOH 46 128 46 HOH TIP A . 
B 2 HOH 47 129 47 HOH TIP A . 
B 2 HOH 48 130 48 HOH TIP A . 
B 2 HOH 49 131 49 HOH TIP A . 
B 2 HOH 50 132 50 HOH TIP A . 
B 2 HOH 51 133 51 HOH TIP A . 
B 2 HOH 52 134 52 HOH TIP A . 
B 2 HOH 53 135 53 HOH TIP A . 
B 2 HOH 54 136 54 HOH TIP A . 
B 2 HOH 55 137 55 HOH TIP A . 
B 2 HOH 56 138 56 HOH TIP A . 
B 2 HOH 57 139 57 HOH TIP A . 
B 2 HOH 58 140 58 HOH TIP A . 
B 2 HOH 59 141 59 HOH TIP A . 
B 2 HOH 60 142 60 HOH TIP A . 
B 2 HOH 61 143 61 HOH TIP A . 
# 
loop_
_software.name 
_software.classification 
_software.version 
_software.citation_id 
_software.pdbx_ordinal 
HKL-2000 'data collection' .   ? 1 
SOLVE    phasing           .   ? 2 
CNS      refinement        1.1 ? 3 
HKL-2000 'data reduction'  .   ? 4 
HKL-2000 'data scaling'    .   ? 5 
# 
_cell.entry_id           3HGL 
_cell.length_a           77.220 
_cell.length_b           77.220 
_cell.length_c           46.720 
_cell.angle_alpha        90.00 
_cell.angle_beta         90.00 
_cell.angle_gamma        120.00 
_cell.Z_PDB              6 
_cell.pdbx_unique_axis   ? 
_cell.length_a_esd       ? 
_cell.length_b_esd       ? 
_cell.length_c_esd       ? 
_cell.angle_alpha_esd    ? 
_cell.angle_beta_esd     ? 
_cell.angle_gamma_esd    ? 
# 
_symmetry.entry_id                         3HGL 
_symmetry.space_group_name_H-M             'P 31 2 1' 
_symmetry.pdbx_full_space_group_name_H-M   ? 
_symmetry.cell_setting                     ? 
_symmetry.Int_Tables_number                152 
_symmetry.space_group_name_Hall            ? 
# 
_exptl.entry_id          3HGL 
_exptl.method            'X-RAY DIFFRACTION' 
_exptl.crystals_number   2 
# 
_exptl_crystal.id                    1 
_exptl_crystal.density_meas          ? 
_exptl_crystal.density_Matthews      4.18 
_exptl_crystal.density_percent_sol   70.58 
_exptl_crystal.description           ? 
_exptl_crystal.F_000                 ? 
_exptl_crystal.preparation           ? 
# 
_exptl_crystal_grow.crystal_id      1 
_exptl_crystal_grow.method          'VAPOR DIFFUSION, HANGING DROP' 
_exptl_crystal_grow.temp            293 
_exptl_crystal_grow.temp_details    ? 
_exptl_crystal_grow.pH              7 
_exptl_crystal_grow.pdbx_details    '60% (v/v) Tacsimate, pH 7.0, VAPOR DIFFUSION, HANGING DROP, temperature 293K' 
_exptl_crystal_grow.pdbx_pH_range   . 
# 
_diffrn.id                     1 
_diffrn.ambient_temp           100 
_diffrn.ambient_temp_details   ? 
_diffrn.crystal_id             1 
# 
_diffrn_detector.diffrn_id              1 
_diffrn_detector.detector               CCD 
_diffrn_detector.type                   'MAR CCD 165 mm' 
_diffrn_detector.pdbx_collection_date   2008-01-07 
_diffrn_detector.details                ? 
# 
_diffrn_radiation.diffrn_id                        1 
_diffrn_radiation.wavelength_id                    1 
_diffrn_radiation.pdbx_monochromatic_or_laue_m_l   M 
_diffrn_radiation.monochromator                    'Si(111) double-crystal' 
_diffrn_radiation.pdbx_diffrn_protocol             MAD 
_diffrn_radiation.pdbx_scattering_type             x-ray 
# 
loop_
_diffrn_radiation_wavelength.id 
_diffrn_radiation_wavelength.wavelength 
_diffrn_radiation_wavelength.wt 
1 0.9789 1.0 
2 0.9794 1.0 
3 0.9764 1.0 
# 
_diffrn_source.diffrn_id                   1 
_diffrn_source.source                      SYNCHROTRON 
_diffrn_source.type                        'PHOTON FACTORY BEAMLINE AR-NW12A' 
_diffrn_source.pdbx_synchrotron_site       'Photon Factory' 
_diffrn_source.pdbx_synchrotron_beamline   AR-NW12A 
_diffrn_source.pdbx_wavelength             ? 
_diffrn_source.pdbx_wavelength_list        '0.9789, 0.9794, 0.9764' 
# 
_reflns.entry_id                     3HGL 
_reflns.observed_criterion_sigma_I   2.0 
_reflns.observed_criterion_sigma_F   ? 
_reflns.d_resolution_low             99.000 
_reflns.d_resolution_high            1.9 
_reflns.number_obs                   12921 
_reflns.number_all                   12921 
_reflns.percent_possible_obs         99.7 
_reflns.pdbx_Rmerge_I_obs            0.048 
_reflns.pdbx_Rsym_value              0.041 
_reflns.pdbx_netI_over_sigmaI        22.4 
_reflns.B_iso_Wilson_estimate        ? 
_reflns.pdbx_redundancy              6.9 
_reflns.R_free_details               ? 
_reflns.limit_h_max                  ? 
_reflns.limit_h_min                  ? 
_reflns.limit_k_max                  ? 
_reflns.limit_k_min                  ? 
_reflns.limit_l_max                  ? 
_reflns.limit_l_min                  ? 
_reflns.observed_criterion_F_max     ? 
_reflns.observed_criterion_F_min     ? 
_reflns.pdbx_chi_squared             ? 
_reflns.pdbx_scaling_rejects         ? 
_reflns.pdbx_diffrn_id               1 
_reflns.pdbx_ordinal                 1 
# 
_reflns_shell.d_res_high             1.90 
_reflns_shell.d_res_low              1.96 
_reflns_shell.percent_possible_all   99.7 
_reflns_shell.Rmerge_I_obs           0.35 
_reflns_shell.pdbx_Rsym_value        0.33 
_reflns_shell.meanI_over_sigI_obs    3.1 
_reflns_shell.pdbx_redundancy        6.6 
_reflns_shell.pdbx_diffrn_id         ? 
_reflns_shell.pdbx_ordinal           1 
# 
_refine.entry_id                                 3HGL 
_refine.ls_number_reflns_obs                     12921 
_refine.ls_number_reflns_all                     12921 
_refine.pdbx_ls_sigma_I                          ? 
_refine.pdbx_ls_sigma_F                          0.00 
_refine.pdbx_data_cutoff_high_absF               ? 
_refine.pdbx_data_cutoff_low_absF                ? 
_refine.pdbx_data_cutoff_high_rms_absF           ? 
_refine.ls_d_res_low                             20.00 
_refine.ls_d_res_high                            1.90 
_refine.ls_percent_reflns_obs                    99.7 
_refine.ls_R_factor_obs                          ? 
_refine.ls_R_factor_all                          ? 
_refine.ls_R_factor_R_work                       0.235 
_refine.ls_R_factor_R_free                       0.249 
_refine.ls_R_factor_R_free_error                 ? 
_refine.ls_R_factor_R_free_error_details         ? 
_refine.ls_percent_reflns_R_free                 5 
_refine.ls_number_reflns_R_free                  624 
_refine.ls_number_parameters                     ? 
_refine.ls_number_restraints                     ? 
_refine.occupancy_min                            ? 
_refine.occupancy_max                            ? 
_refine.correlation_coeff_Fo_to_Fc               ? 
_refine.correlation_coeff_Fo_to_Fc_free          ? 
_refine.B_iso_mean                               ? 
_refine.aniso_B[1][1]                            ? 
_refine.aniso_B[2][2]                            ? 
_refine.aniso_B[3][3]                            ? 
_refine.aniso_B[1][2]                            ? 
_refine.aniso_B[1][3]                            ? 
_refine.aniso_B[2][3]                            ? 
_refine.solvent_model_details                    ? 
_refine.solvent_model_param_ksol                 ? 
_refine.solvent_model_param_bsol                 ? 
_refine.pdbx_solvent_vdw_probe_radii             ? 
_refine.pdbx_solvent_ion_probe_radii             ? 
_refine.pdbx_solvent_shrinkage_radii             ? 
_refine.pdbx_ls_cross_valid_method               THROUGHOUT 
_refine.details                                  ? 
_refine.pdbx_starting_model                      ? 
_refine.pdbx_method_to_determine_struct          MAD 
_refine.pdbx_isotropic_thermal_model             ? 
_refine.pdbx_stereochemistry_target_values       'MAXIMUM LIKELIHOOD' 
_refine.pdbx_stereochem_target_val_spec_case     ? 
_refine.pdbx_R_Free_selection_details            RANDOM 
_refine.pdbx_overall_ESU_R                       ? 
_refine.pdbx_overall_ESU_R_Free                  ? 
_refine.overall_SU_ML                            ? 
_refine.overall_SU_B                             ? 
_refine.ls_redundancy_reflns_obs                 ? 
_refine.B_iso_min                                ? 
_refine.B_iso_max                                ? 
_refine.overall_SU_R_Cruickshank_DPI             ? 
_refine.overall_SU_R_free                        ? 
_refine.ls_wR_factor_R_free                      ? 
_refine.ls_wR_factor_R_work                      ? 
_refine.overall_FOM_free_R_set                   ? 
_refine.overall_FOM_work_R_set                   ? 
_refine.pdbx_refine_id                           'X-RAY DIFFRACTION' 
_refine.pdbx_overall_phase_error                 ? 
_refine.pdbx_diffrn_id                           1 
_refine.pdbx_TLS_residual_ADP_flag               ? 
_refine.pdbx_overall_SU_R_free_Cruickshank_DPI   ? 
_refine.pdbx_overall_SU_R_Blow_DPI               ? 
_refine.pdbx_overall_SU_R_free_Blow_DPI          ? 
# 
_refine_hist.pdbx_refine_id                   'X-RAY DIFFRACTION' 
_refine_hist.cycle_id                         LAST 
_refine_hist.pdbx_number_atoms_protein        605 
_refine_hist.pdbx_number_atoms_nucleic_acid   0 
_refine_hist.pdbx_number_atoms_ligand         0 
_refine_hist.number_atoms_solvent             61 
_refine_hist.number_atoms_total               666 
_refine_hist.d_res_high                       1.90 
_refine_hist.d_res_low                        20.00 
# 
loop_
_refine_ls_restr.type 
_refine_ls_restr.dev_ideal 
_refine_ls_restr.dev_ideal_target 
_refine_ls_restr.weight 
_refine_ls_restr.number 
_refine_ls_restr.pdbx_refine_id 
_refine_ls_restr.pdbx_restraint_function 
c_bond_d    0.005 ? ? ? 'X-RAY DIFFRACTION' ? 
c_angle_deg 1.119 ? ? ? 'X-RAY DIFFRACTION' ? 
# 
_refine_ls_shell.pdbx_total_number_of_bins_used   12 
_refine_ls_shell.d_res_high                       1.90 
_refine_ls_shell.d_res_low                        1.96 
_refine_ls_shell.number_reflns_R_work             1004 
_refine_ls_shell.R_factor_R_work                  0.28 
_refine_ls_shell.percent_reflns_obs               99.0 
_refine_ls_shell.R_factor_R_free                  0.28 
_refine_ls_shell.R_factor_R_free_error            ? 
_refine_ls_shell.percent_reflns_R_free            ? 
_refine_ls_shell.number_reflns_R_free             48 
_refine_ls_shell.number_reflns_all                ? 
_refine_ls_shell.R_factor_all                     ? 
_refine_ls_shell.pdbx_refine_id                   'X-RAY DIFFRACTION' 
# 
_struct.entry_id                  3HGL 
_struct.title                     'crystal of AvrPtoB 121-205' 
_struct.pdbx_model_details        ? 
_struct.pdbx_CASP_flag            ? 
_struct.pdbx_model_type_details   ? 
# 
_struct_keywords.entry_id        3HGL 
_struct_keywords.pdbx_keywords   LIGASE 
_struct_keywords.text            
'five helices, Hypersensitive response elicitation, Ligase, Secreted, Ubl conjugation, Ubl conjugation pathway, Virulence' 
# 
loop_
_struct_asym.id 
_struct_asym.pdbx_blank_PDB_chainid_flag 
_struct_asym.pdbx_modified 
_struct_asym.entity_id 
_struct_asym.details 
A N N 1 ? 
B N N 2 ? 
# 
_struct_ref.id                         1 
_struct_ref.db_name                    UNP 
_struct_ref.db_code                    HPAB2_PSESM 
_struct_ref.pdbx_db_accession          Q8RSY1 
_struct_ref.entity_id                  1 
_struct_ref.pdbx_seq_one_letter_code   
;PRRGAVAHANSIVQQLVSEGADISHTRNMLRNAMNGDAVAFSRVEQNIFRQHFPNMPMHGISRDSELAIELRGALRRAVH
QQAAS
;
_struct_ref.pdbx_align_begin           121 
_struct_ref.pdbx_db_isoform            ? 
# 
_struct_ref_seq.align_id                      1 
_struct_ref_seq.ref_id                        1 
_struct_ref_seq.pdbx_PDB_id_code              3HGL 
_struct_ref_seq.pdbx_strand_id                A 
_struct_ref_seq.seq_align_beg                 1 
_struct_ref_seq.pdbx_seq_align_beg_ins_code   ? 
_struct_ref_seq.seq_align_end                 85 
_struct_ref_seq.pdbx_seq_align_end_ins_code   ? 
_struct_ref_seq.pdbx_db_accession             Q8RSY1 
_struct_ref_seq.db_align_beg                  121 
_struct_ref_seq.pdbx_db_align_beg_ins_code    ? 
_struct_ref_seq.db_align_end                  205 
_struct_ref_seq.pdbx_db_align_end_ins_code    ? 
_struct_ref_seq.pdbx_auth_seq_align_beg       -2 
_struct_ref_seq.pdbx_auth_seq_align_end       82 
# 
_pdbx_struct_assembly.id                   1 
_pdbx_struct_assembly.details              author_and_software_defined_assembly 
_pdbx_struct_assembly.method_details       PISA 
_pdbx_struct_assembly.oligomeric_details   monomeric 
_pdbx_struct_assembly.oligomeric_count     1 
# 
_pdbx_struct_assembly_gen.assembly_id       1 
_pdbx_struct_assembly_gen.oper_expression   1 
_pdbx_struct_assembly_gen.asym_id_list      A,B 
# 
_pdbx_struct_oper_list.id                   1 
_pdbx_struct_oper_list.type                 'identity operation' 
_pdbx_struct_oper_list.name                 1_555 
_pdbx_struct_oper_list.symmetry_operation   x,y,z 
_pdbx_struct_oper_list.matrix[1][1]         1.0000000000 
_pdbx_struct_oper_list.matrix[1][2]         0.0000000000 
_pdbx_struct_oper_list.matrix[1][3]         0.0000000000 
_pdbx_struct_oper_list.vector[1]            0.0000000000 
_pdbx_struct_oper_list.matrix[2][1]         0.0000000000 
_pdbx_struct_oper_list.matrix[2][2]         1.0000000000 
_pdbx_struct_oper_list.matrix[2][3]         0.0000000000 
_pdbx_struct_oper_list.vector[2]            0.0000000000 
_pdbx_struct_oper_list.matrix[3][1]         0.0000000000 
_pdbx_struct_oper_list.matrix[3][2]         0.0000000000 
_pdbx_struct_oper_list.matrix[3][3]         1.0000000000 
_pdbx_struct_oper_list.vector[3]            0.0000000000 
# 
_struct_biol.id        1 
_struct_biol.details   ? 
# 
loop_
_struct_conf.conf_type_id 
_struct_conf.id 
_struct_conf.pdbx_PDB_helix_id 
_struct_conf.beg_label_comp_id 
_struct_conf.beg_label_asym_id 
_struct_conf.beg_label_seq_id 
_struct_conf.pdbx_beg_PDB_ins_code 
_struct_conf.end_label_comp_id 
_struct_conf.end_label_asym_id 
_struct_conf.end_label_seq_id 
_struct_conf.pdbx_end_PDB_ins_code 
_struct_conf.beg_auth_comp_id 
_struct_conf.beg_auth_asym_id 
_struct_conf.beg_auth_seq_id 
_struct_conf.end_auth_comp_id 
_struct_conf.end_auth_asym_id 
_struct_conf.end_auth_seq_id 
_struct_conf.pdbx_PDB_helix_class 
_struct_conf.details 
_struct_conf.pdbx_PDB_helix_length 
HELX_P HELX_P1 1 GLY A 4  ? GLU A 19 ? GLY A 1  GLU A 16 1 ? 16 
HELX_P HELX_P2 2 ASP A 22 ? ASN A 35 ? ASP A 19 ASN A 32 1 ? 14 
HELX_P HELX_P3 3 SER A 42 ? PHE A 53 ? SER A 39 PHE A 50 1 ? 12 
HELX_P HELX_P4 4 ASN A 55 ? GLY A 60 ? ASN A 52 GLY A 57 1 ? 6  
HELX_P HELX_P5 5 SER A 65 ? GLN A 81 ? SER A 62 GLN A 78 1 ? 17 
# 
_struct_conf_type.id          HELX_P 
_struct_conf_type.criteria    ? 
_struct_conf_type.reference   ? 
# 
loop_
_struct_conn.id 
_struct_conn.conn_type_id 
_struct_conn.pdbx_leaving_atom_flag 
_struct_conn.pdbx_PDB_id 
_struct_conn.ptnr1_label_asym_id 
_struct_conn.ptnr1_label_comp_id 
_struct_conn.ptnr1_label_seq_id 
_struct_conn.ptnr1_label_atom_id 
_struct_conn.pdbx_ptnr1_label_alt_id 
_struct_conn.pdbx_ptnr1_PDB_ins_code 
_struct_conn.pdbx_ptnr1_standard_comp_id 
_struct_conn.ptnr1_symmetry 
_struct_conn.ptnr2_label_asym_id 
_struct_conn.ptnr2_label_comp_id 
_struct_conn.ptnr2_label_seq_id 
_struct_conn.ptnr2_label_atom_id 
_struct_conn.pdbx_ptnr2_label_alt_id 
_struct_conn.pdbx_ptnr2_PDB_ins_code 
_struct_conn.ptnr1_auth_asym_id 
_struct_conn.ptnr1_auth_comp_id 
_struct_conn.ptnr1_auth_seq_id 
_struct_conn.ptnr2_auth_asym_id 
_struct_conn.ptnr2_auth_comp_id 
_struct_conn.ptnr2_auth_seq_id 
_struct_conn.ptnr2_symmetry 
_struct_conn.pdbx_ptnr3_label_atom_id 
_struct_conn.pdbx_ptnr3_label_seq_id 
_struct_conn.pdbx_ptnr3_label_comp_id 
_struct_conn.pdbx_ptnr3_label_asym_id 
_struct_conn.pdbx_ptnr3_label_alt_id 
_struct_conn.pdbx_ptnr3_PDB_ins_code 
_struct_conn.details 
_struct_conn.pdbx_dist_value 
_struct_conn.pdbx_value_order 
_struct_conn.pdbx_role 
covale1 covale both ? A ASN 28 C ? ? ? 1_555 A MSE 29 N ? ? A ASN 25 A MSE 26 1_555 ? ? ? ? ? ? ? 1.329 ? ? 
covale2 covale both ? A MSE 29 C ? ? ? 1_555 A LEU 30 N ? ? A MSE 26 A LEU 27 1_555 ? ? ? ? ? ? ? 1.332 ? ? 
covale3 covale both ? A ALA 33 C ? ? ? 1_555 A MSE 34 N ? ? A ALA 30 A MSE 31 1_555 ? ? ? ? ? ? ? 1.332 ? ? 
covale4 covale both ? A MSE 34 C ? ? ? 1_555 A ASN 35 N ? ? A MSE 31 A ASN 32 1_555 ? ? ? ? ? ? ? 1.331 ? ? 
covale5 covale both ? A ASN 55 C ? ? ? 1_555 A MSE 56 N ? ? A ASN 52 A MSE 53 1_555 ? ? ? ? ? ? ? 1.329 ? ? 
covale6 covale both ? A MSE 56 C ? ? ? 1_555 A PRO 57 N ? ? A MSE 53 A PRO 54 1_555 ? ? ? ? ? ? ? 1.344 ? ? 
covale7 covale both ? A PRO 57 C ? ? ? 1_555 A MSE 58 N ? ? A PRO 54 A MSE 55 1_555 ? ? ? ? ? ? ? 1.325 ? ? 
covale8 covale both ? A MSE 58 C ? ? ? 1_555 A HIS 59 N ? ? A MSE 55 A HIS 56 1_555 ? ? ? ? ? ? ? 1.331 ? ? 
# 
_struct_conn_type.id          covale 
_struct_conn_type.criteria    ? 
_struct_conn_type.reference   ? 
# 
loop_
_pdbx_modification_feature.ordinal 
_pdbx_modification_feature.label_comp_id 
_pdbx_modification_feature.label_asym_id 
_pdbx_modification_feature.label_seq_id 
_pdbx_modification_feature.label_alt_id 
_pdbx_modification_feature.modified_residue_label_comp_id 
_pdbx_modification_feature.modified_residue_label_asym_id 
_pdbx_modification_feature.modified_residue_label_seq_id 
_pdbx_modification_feature.modified_residue_label_alt_id 
_pdbx_modification_feature.auth_comp_id 
_pdbx_modification_feature.auth_asym_id 
_pdbx_modification_feature.auth_seq_id 
_pdbx_modification_feature.PDB_ins_code 
_pdbx_modification_feature.symmetry 
_pdbx_modification_feature.modified_residue_auth_comp_id 
_pdbx_modification_feature.modified_residue_auth_asym_id 
_pdbx_modification_feature.modified_residue_auth_seq_id 
_pdbx_modification_feature.modified_residue_PDB_ins_code 
_pdbx_modification_feature.modified_residue_symmetry 
_pdbx_modification_feature.comp_id_linking_atom 
_pdbx_modification_feature.modified_residue_id_linking_atom 
_pdbx_modification_feature.modified_residue_id 
_pdbx_modification_feature.ref_pcm_id 
_pdbx_modification_feature.ref_comp_id 
_pdbx_modification_feature.type 
_pdbx_modification_feature.category 
1 MSE A 29 ? . . . . MSE A 26 ? 1_555 . . . . . . . MET 1 MSE Selenomethionine 'Named protein modification' 
2 MSE A 34 ? . . . . MSE A 31 ? 1_555 . . . . . . . MET 1 MSE Selenomethionine 'Named protein modification' 
3 MSE A 56 ? . . . . MSE A 53 ? 1_555 . . . . . . . MET 1 MSE Selenomethionine 'Named protein modification' 
4 MSE A 58 ? . . . . MSE A 55 ? 1_555 . . . . . . . MET 1 MSE Selenomethionine 'Named protein modification' 
# 
_pdbx_entry_details.entry_id                   3HGL 
_pdbx_entry_details.compound_details           ? 
_pdbx_entry_details.source_details             ? 
_pdbx_entry_details.nonpolymer_details         ? 
_pdbx_entry_details.sequence_details           ? 
_pdbx_entry_details.has_ligand_of_interest     ? 
_pdbx_entry_details.has_protein_modification   Y 
# 
loop_
_pdbx_struct_mod_residue.id 
_pdbx_struct_mod_residue.label_asym_id 
_pdbx_struct_mod_residue.label_comp_id 
_pdbx_struct_mod_residue.label_seq_id 
_pdbx_struct_mod_residue.auth_asym_id 
_pdbx_struct_mod_residue.auth_comp_id 
_pdbx_struct_mod_residue.auth_seq_id 
_pdbx_struct_mod_residue.PDB_ins_code 
_pdbx_struct_mod_residue.parent_comp_id 
_pdbx_struct_mod_residue.details 
1 A MSE 29 A MSE 26 ? MET SELENOMETHIONINE 
2 A MSE 34 A MSE 31 ? MET SELENOMETHIONINE 
3 A MSE 56 A MSE 53 ? MET SELENOMETHIONINE 
4 A MSE 58 A MSE 55 ? MET SELENOMETHIONINE 
# 
loop_
_pdbx_unobs_or_zero_occ_residues.id 
_pdbx_unobs_or_zero_occ_residues.PDB_model_num 
_pdbx_unobs_or_zero_occ_residues.polymer_flag 
_pdbx_unobs_or_zero_occ_residues.occupancy_flag 
_pdbx_unobs_or_zero_occ_residues.auth_asym_id 
_pdbx_unobs_or_zero_occ_residues.auth_comp_id 
_pdbx_unobs_or_zero_occ_residues.auth_seq_id 
_pdbx_unobs_or_zero_occ_residues.PDB_ins_code 
_pdbx_unobs_or_zero_occ_residues.label_asym_id 
_pdbx_unobs_or_zero_occ_residues.label_comp_id 
_pdbx_unobs_or_zero_occ_residues.label_seq_id 
1 1 Y 1 A PRO -2 ? A PRO 1  
2 1 Y 1 A ARG -1 ? A ARG 2  
3 1 Y 1 A ARG 0  ? A ARG 3  
4 1 Y 1 A GLN 79 ? A GLN 82 
5 1 Y 1 A ALA 80 ? A ALA 83 
6 1 Y 1 A ALA 81 ? A ALA 84 
7 1 Y 1 A SER 82 ? A SER 85 
# 
loop_
_chem_comp_atom.comp_id 
_chem_comp_atom.atom_id 
_chem_comp_atom.type_symbol 
_chem_comp_atom.pdbx_aromatic_flag 
_chem_comp_atom.pdbx_stereo_config 
_chem_comp_atom.pdbx_ordinal 
ALA N    N  N N 1   
ALA CA   C  N S 2   
ALA C    C  N N 3   
ALA O    O  N N 4   
ALA CB   C  N N 5   
ALA OXT  O  N N 6   
ALA H    H  N N 7   
ALA H2   H  N N 8   
ALA HA   H  N N 9   
ALA HB1  H  N N 10  
ALA HB2  H  N N 11  
ALA HB3  H  N N 12  
ALA HXT  H  N N 13  
ARG N    N  N N 14  
ARG CA   C  N S 15  
ARG C    C  N N 16  
ARG O    O  N N 17  
ARG CB   C  N N 18  
ARG CG   C  N N 19  
ARG CD   C  N N 20  
ARG NE   N  N N 21  
ARG CZ   C  N N 22  
ARG NH1  N  N N 23  
ARG NH2  N  N N 24  
ARG OXT  O  N N 25  
ARG H    H  N N 26  
ARG H2   H  N N 27  
ARG HA   H  N N 28  
ARG HB2  H  N N 29  
ARG HB3  H  N N 30  
ARG HG2  H  N N 31  
ARG HG3  H  N N 32  
ARG HD2  H  N N 33  
ARG HD3  H  N N 34  
ARG HE   H  N N 35  
ARG HH11 H  N N 36  
ARG HH12 H  N N 37  
ARG HH21 H  N N 38  
ARG HH22 H  N N 39  
ARG HXT  H  N N 40  
ASN N    N  N N 41  
ASN CA   C  N S 42  
ASN C    C  N N 43  
ASN O    O  N N 44  
ASN CB   C  N N 45  
ASN CG   C  N N 46  
ASN OD1  O  N N 47  
ASN ND2  N  N N 48  
ASN OXT  O  N N 49  
ASN H    H  N N 50  
ASN H2   H  N N 51  
ASN HA   H  N N 52  
ASN HB2  H  N N 53  
ASN HB3  H  N N 54  
ASN HD21 H  N N 55  
ASN HD22 H  N N 56  
ASN HXT  H  N N 57  
ASP N    N  N N 58  
ASP CA   C  N S 59  
ASP C    C  N N 60  
ASP O    O  N N 61  
ASP CB   C  N N 62  
ASP CG   C  N N 63  
ASP OD1  O  N N 64  
ASP OD2  O  N N 65  
ASP OXT  O  N N 66  
ASP H    H  N N 67  
ASP H2   H  N N 68  
ASP HA   H  N N 69  
ASP HB2  H  N N 70  
ASP HB3  H  N N 71  
ASP HD2  H  N N 72  
ASP HXT  H  N N 73  
GLN N    N  N N 74  
GLN CA   C  N S 75  
GLN C    C  N N 76  
GLN O    O  N N 77  
GLN CB   C  N N 78  
GLN CG   C  N N 79  
GLN CD   C  N N 80  
GLN OE1  O  N N 81  
GLN NE2  N  N N 82  
GLN OXT  O  N N 83  
GLN H    H  N N 84  
GLN H2   H  N N 85  
GLN HA   H  N N 86  
GLN HB2  H  N N 87  
GLN HB3  H  N N 88  
GLN HG2  H  N N 89  
GLN HG3  H  N N 90  
GLN HE21 H  N N 91  
GLN HE22 H  N N 92  
GLN HXT  H  N N 93  
GLU N    N  N N 94  
GLU CA   C  N S 95  
GLU C    C  N N 96  
GLU O    O  N N 97  
GLU CB   C  N N 98  
GLU CG   C  N N 99  
GLU CD   C  N N 100 
GLU OE1  O  N N 101 
GLU OE2  O  N N 102 
GLU OXT  O  N N 103 
GLU H    H  N N 104 
GLU H2   H  N N 105 
GLU HA   H  N N 106 
GLU HB2  H  N N 107 
GLU HB3  H  N N 108 
GLU HG2  H  N N 109 
GLU HG3  H  N N 110 
GLU HE2  H  N N 111 
GLU HXT  H  N N 112 
GLY N    N  N N 113 
GLY CA   C  N N 114 
GLY C    C  N N 115 
GLY O    O  N N 116 
GLY OXT  O  N N 117 
GLY H    H  N N 118 
GLY H2   H  N N 119 
GLY HA2  H  N N 120 
GLY HA3  H  N N 121 
GLY HXT  H  N N 122 
HIS N    N  N N 123 
HIS CA   C  N S 124 
HIS C    C  N N 125 
HIS O    O  N N 126 
HIS CB   C  N N 127 
HIS CG   C  Y N 128 
HIS ND1  N  Y N 129 
HIS CD2  C  Y N 130 
HIS CE1  C  Y N 131 
HIS NE2  N  Y N 132 
HIS OXT  O  N N 133 
HIS H    H  N N 134 
HIS H2   H  N N 135 
HIS HA   H  N N 136 
HIS HB2  H  N N 137 
HIS HB3  H  N N 138 
HIS HD1  H  N N 139 
HIS HD2  H  N N 140 
HIS HE1  H  N N 141 
HIS HE2  H  N N 142 
HIS HXT  H  N N 143 
HOH O    O  N N 144 
HOH H1   H  N N 145 
HOH H2   H  N N 146 
ILE N    N  N N 147 
ILE CA   C  N S 148 
ILE C    C  N N 149 
ILE O    O  N N 150 
ILE CB   C  N S 151 
ILE CG1  C  N N 152 
ILE CG2  C  N N 153 
ILE CD1  C  N N 154 
ILE OXT  O  N N 155 
ILE H    H  N N 156 
ILE H2   H  N N 157 
ILE HA   H  N N 158 
ILE HB   H  N N 159 
ILE HG12 H  N N 160 
ILE HG13 H  N N 161 
ILE HG21 H  N N 162 
ILE HG22 H  N N 163 
ILE HG23 H  N N 164 
ILE HD11 H  N N 165 
ILE HD12 H  N N 166 
ILE HD13 H  N N 167 
ILE HXT  H  N N 168 
LEU N    N  N N 169 
LEU CA   C  N S 170 
LEU C    C  N N 171 
LEU O    O  N N 172 
LEU CB   C  N N 173 
LEU CG   C  N N 174 
LEU CD1  C  N N 175 
LEU CD2  C  N N 176 
LEU OXT  O  N N 177 
LEU H    H  N N 178 
LEU H2   H  N N 179 
LEU HA   H  N N 180 
LEU HB2  H  N N 181 
LEU HB3  H  N N 182 
LEU HG   H  N N 183 
LEU HD11 H  N N 184 
LEU HD12 H  N N 185 
LEU HD13 H  N N 186 
LEU HD21 H  N N 187 
LEU HD22 H  N N 188 
LEU HD23 H  N N 189 
LEU HXT  H  N N 190 
MSE N    N  N N 191 
MSE CA   C  N S 192 
MSE C    C  N N 193 
MSE O    O  N N 194 
MSE OXT  O  N N 195 
MSE CB   C  N N 196 
MSE CG   C  N N 197 
MSE SE   SE N N 198 
MSE CE   C  N N 199 
MSE H    H  N N 200 
MSE H2   H  N N 201 
MSE HA   H  N N 202 
MSE HXT  H  N N 203 
MSE HB2  H  N N 204 
MSE HB3  H  N N 205 
MSE HG2  H  N N 206 
MSE HG3  H  N N 207 
MSE HE1  H  N N 208 
MSE HE2  H  N N 209 
MSE HE3  H  N N 210 
PHE N    N  N N 211 
PHE CA   C  N S 212 
PHE C    C  N N 213 
PHE O    O  N N 214 
PHE CB   C  N N 215 
PHE CG   C  Y N 216 
PHE CD1  C  Y N 217 
PHE CD2  C  Y N 218 
PHE CE1  C  Y N 219 
PHE CE2  C  Y N 220 
PHE CZ   C  Y N 221 
PHE OXT  O  N N 222 
PHE H    H  N N 223 
PHE H2   H  N N 224 
PHE HA   H  N N 225 
PHE HB2  H  N N 226 
PHE HB3  H  N N 227 
PHE HD1  H  N N 228 
PHE HD2  H  N N 229 
PHE HE1  H  N N 230 
PHE HE2  H  N N 231 
PHE HZ   H  N N 232 
PHE HXT  H  N N 233 
PRO N    N  N N 234 
PRO CA   C  N S 235 
PRO C    C  N N 236 
PRO O    O  N N 237 
PRO CB   C  N N 238 
PRO CG   C  N N 239 
PRO CD   C  N N 240 
PRO OXT  O  N N 241 
PRO H    H  N N 242 
PRO HA   H  N N 243 
PRO HB2  H  N N 244 
PRO HB3  H  N N 245 
PRO HG2  H  N N 246 
PRO HG3  H  N N 247 
PRO HD2  H  N N 248 
PRO HD3  H  N N 249 
PRO HXT  H  N N 250 
SER N    N  N N 251 
SER CA   C  N S 252 
SER C    C  N N 253 
SER O    O  N N 254 
SER CB   C  N N 255 
SER OG   O  N N 256 
SER OXT  O  N N 257 
SER H    H  N N 258 
SER H2   H  N N 259 
SER HA   H  N N 260 
SER HB2  H  N N 261 
SER HB3  H  N N 262 
SER HG   H  N N 263 
SER HXT  H  N N 264 
THR N    N  N N 265 
THR CA   C  N S 266 
THR C    C  N N 267 
THR O    O  N N 268 
THR CB   C  N R 269 
THR OG1  O  N N 270 
THR CG2  C  N N 271 
THR OXT  O  N N 272 
THR H    H  N N 273 
THR H2   H  N N 274 
THR HA   H  N N 275 
THR HB   H  N N 276 
THR HG1  H  N N 277 
THR HG21 H  N N 278 
THR HG22 H  N N 279 
THR HG23 H  N N 280 
THR HXT  H  N N 281 
VAL N    N  N N 282 
VAL CA   C  N S 283 
VAL C    C  N N 284 
VAL O    O  N N 285 
VAL CB   C  N N 286 
VAL CG1  C  N N 287 
VAL CG2  C  N N 288 
VAL OXT  O  N N 289 
VAL H    H  N N 290 
VAL H2   H  N N 291 
VAL HA   H  N N 292 
VAL HB   H  N N 293 
VAL HG11 H  N N 294 
VAL HG12 H  N N 295 
VAL HG13 H  N N 296 
VAL HG21 H  N N 297 
VAL HG22 H  N N 298 
VAL HG23 H  N N 299 
VAL HXT  H  N N 300 
# 
loop_
_chem_comp_bond.comp_id 
_chem_comp_bond.atom_id_1 
_chem_comp_bond.atom_id_2 
_chem_comp_bond.value_order 
_chem_comp_bond.pdbx_aromatic_flag 
_chem_comp_bond.pdbx_stereo_config 
_chem_comp_bond.pdbx_ordinal 
ALA N   CA   sing N N 1   
ALA N   H    sing N N 2   
ALA N   H2   sing N N 3   
ALA CA  C    sing N N 4   
ALA CA  CB   sing N N 5   
ALA CA  HA   sing N N 6   
ALA C   O    doub N N 7   
ALA C   OXT  sing N N 8   
ALA CB  HB1  sing N N 9   
ALA CB  HB2  sing N N 10  
ALA CB  HB3  sing N N 11  
ALA OXT HXT  sing N N 12  
ARG N   CA   sing N N 13  
ARG N   H    sing N N 14  
ARG N   H2   sing N N 15  
ARG CA  C    sing N N 16  
ARG CA  CB   sing N N 17  
ARG CA  HA   sing N N 18  
ARG C   O    doub N N 19  
ARG C   OXT  sing N N 20  
ARG CB  CG   sing N N 21  
ARG CB  HB2  sing N N 22  
ARG CB  HB3  sing N N 23  
ARG CG  CD   sing N N 24  
ARG CG  HG2  sing N N 25  
ARG CG  HG3  sing N N 26  
ARG CD  NE   sing N N 27  
ARG CD  HD2  sing N N 28  
ARG CD  HD3  sing N N 29  
ARG NE  CZ   sing N N 30  
ARG NE  HE   sing N N 31  
ARG CZ  NH1  sing N N 32  
ARG CZ  NH2  doub N N 33  
ARG NH1 HH11 sing N N 34  
ARG NH1 HH12 sing N N 35  
ARG NH2 HH21 sing N N 36  
ARG NH2 HH22 sing N N 37  
ARG OXT HXT  sing N N 38  
ASN N   CA   sing N N 39  
ASN N   H    sing N N 40  
ASN N   H2   sing N N 41  
ASN CA  C    sing N N 42  
ASN CA  CB   sing N N 43  
ASN CA  HA   sing N N 44  
ASN C   O    doub N N 45  
ASN C   OXT  sing N N 46  
ASN CB  CG   sing N N 47  
ASN CB  HB2  sing N N 48  
ASN CB  HB3  sing N N 49  
ASN CG  OD1  doub N N 50  
ASN CG  ND2  sing N N 51  
ASN ND2 HD21 sing N N 52  
ASN ND2 HD22 sing N N 53  
ASN OXT HXT  sing N N 54  
ASP N   CA   sing N N 55  
ASP N   H    sing N N 56  
ASP N   H2   sing N N 57  
ASP CA  C    sing N N 58  
ASP CA  CB   sing N N 59  
ASP CA  HA   sing N N 60  
ASP C   O    doub N N 61  
ASP C   OXT  sing N N 62  
ASP CB  CG   sing N N 63  
ASP CB  HB2  sing N N 64  
ASP CB  HB3  sing N N 65  
ASP CG  OD1  doub N N 66  
ASP CG  OD2  sing N N 67  
ASP OD2 HD2  sing N N 68  
ASP OXT HXT  sing N N 69  
GLN N   CA   sing N N 70  
GLN N   H    sing N N 71  
GLN N   H2   sing N N 72  
GLN CA  C    sing N N 73  
GLN CA  CB   sing N N 74  
GLN CA  HA   sing N N 75  
GLN C   O    doub N N 76  
GLN C   OXT  sing N N 77  
GLN CB  CG   sing N N 78  
GLN CB  HB2  sing N N 79  
GLN CB  HB3  sing N N 80  
GLN CG  CD   sing N N 81  
GLN CG  HG2  sing N N 82  
GLN CG  HG3  sing N N 83  
GLN CD  OE1  doub N N 84  
GLN CD  NE2  sing N N 85  
GLN NE2 HE21 sing N N 86  
GLN NE2 HE22 sing N N 87  
GLN OXT HXT  sing N N 88  
GLU N   CA   sing N N 89  
GLU N   H    sing N N 90  
GLU N   H2   sing N N 91  
GLU CA  C    sing N N 92  
GLU CA  CB   sing N N 93  
GLU CA  HA   sing N N 94  
GLU C   O    doub N N 95  
GLU C   OXT  sing N N 96  
GLU CB  CG   sing N N 97  
GLU CB  HB2  sing N N 98  
GLU CB  HB3  sing N N 99  
GLU CG  CD   sing N N 100 
GLU CG  HG2  sing N N 101 
GLU CG  HG3  sing N N 102 
GLU CD  OE1  doub N N 103 
GLU CD  OE2  sing N N 104 
GLU OE2 HE2  sing N N 105 
GLU OXT HXT  sing N N 106 
GLY N   CA   sing N N 107 
GLY N   H    sing N N 108 
GLY N   H2   sing N N 109 
GLY CA  C    sing N N 110 
GLY CA  HA2  sing N N 111 
GLY CA  HA3  sing N N 112 
GLY C   O    doub N N 113 
GLY C   OXT  sing N N 114 
GLY OXT HXT  sing N N 115 
HIS N   CA   sing N N 116 
HIS N   H    sing N N 117 
HIS N   H2   sing N N 118 
HIS CA  C    sing N N 119 
HIS CA  CB   sing N N 120 
HIS CA  HA   sing N N 121 
HIS C   O    doub N N 122 
HIS C   OXT  sing N N 123 
HIS CB  CG   sing N N 124 
HIS CB  HB2  sing N N 125 
HIS CB  HB3  sing N N 126 
HIS CG  ND1  sing Y N 127 
HIS CG  CD2  doub Y N 128 
HIS ND1 CE1  doub Y N 129 
HIS ND1 HD1  sing N N 130 
HIS CD2 NE2  sing Y N 131 
HIS CD2 HD2  sing N N 132 
HIS CE1 NE2  sing Y N 133 
HIS CE1 HE1  sing N N 134 
HIS NE2 HE2  sing N N 135 
HIS OXT HXT  sing N N 136 
HOH O   H1   sing N N 137 
HOH O   H2   sing N N 138 
ILE N   CA   sing N N 139 
ILE N   H    sing N N 140 
ILE N   H2   sing N N 141 
ILE CA  C    sing N N 142 
ILE CA  CB   sing N N 143 
ILE CA  HA   sing N N 144 
ILE C   O    doub N N 145 
ILE C   OXT  sing N N 146 
ILE CB  CG1  sing N N 147 
ILE CB  CG2  sing N N 148 
ILE CB  HB   sing N N 149 
ILE CG1 CD1  sing N N 150 
ILE CG1 HG12 sing N N 151 
ILE CG1 HG13 sing N N 152 
ILE CG2 HG21 sing N N 153 
ILE CG2 HG22 sing N N 154 
ILE CG2 HG23 sing N N 155 
ILE CD1 HD11 sing N N 156 
ILE CD1 HD12 sing N N 157 
ILE CD1 HD13 sing N N 158 
ILE OXT HXT  sing N N 159 
LEU N   CA   sing N N 160 
LEU N   H    sing N N 161 
LEU N   H2   sing N N 162 
LEU CA  C    sing N N 163 
LEU CA  CB   sing N N 164 
LEU CA  HA   sing N N 165 
LEU C   O    doub N N 166 
LEU C   OXT  sing N N 167 
LEU CB  CG   sing N N 168 
LEU CB  HB2  sing N N 169 
LEU CB  HB3  sing N N 170 
LEU CG  CD1  sing N N 171 
LEU CG  CD2  sing N N 172 
LEU CG  HG   sing N N 173 
LEU CD1 HD11 sing N N 174 
LEU CD1 HD12 sing N N 175 
LEU CD1 HD13 sing N N 176 
LEU CD2 HD21 sing N N 177 
LEU CD2 HD22 sing N N 178 
LEU CD2 HD23 sing N N 179 
LEU OXT HXT  sing N N 180 
MSE N   CA   sing N N 181 
MSE N   H    sing N N 182 
MSE N   H2   sing N N 183 
MSE CA  C    sing N N 184 
MSE CA  CB   sing N N 185 
MSE CA  HA   sing N N 186 
MSE C   O    doub N N 187 
MSE C   OXT  sing N N 188 
MSE OXT HXT  sing N N 189 
MSE CB  CG   sing N N 190 
MSE CB  HB2  sing N N 191 
MSE CB  HB3  sing N N 192 
MSE CG  SE   sing N N 193 
MSE CG  HG2  sing N N 194 
MSE CG  HG3  sing N N 195 
MSE SE  CE   sing N N 196 
MSE CE  HE1  sing N N 197 
MSE CE  HE2  sing N N 198 
MSE CE  HE3  sing N N 199 
PHE N   CA   sing N N 200 
PHE N   H    sing N N 201 
PHE N   H2   sing N N 202 
PHE CA  C    sing N N 203 
PHE CA  CB   sing N N 204 
PHE CA  HA   sing N N 205 
PHE C   O    doub N N 206 
PHE C   OXT  sing N N 207 
PHE CB  CG   sing N N 208 
PHE CB  HB2  sing N N 209 
PHE CB  HB3  sing N N 210 
PHE CG  CD1  doub Y N 211 
PHE CG  CD2  sing Y N 212 
PHE CD1 CE1  sing Y N 213 
PHE CD1 HD1  sing N N 214 
PHE CD2 CE2  doub Y N 215 
PHE CD2 HD2  sing N N 216 
PHE CE1 CZ   doub Y N 217 
PHE CE1 HE1  sing N N 218 
PHE CE2 CZ   sing Y N 219 
PHE CE2 HE2  sing N N 220 
PHE CZ  HZ   sing N N 221 
PHE OXT HXT  sing N N 222 
PRO N   CA   sing N N 223 
PRO N   CD   sing N N 224 
PRO N   H    sing N N 225 
PRO CA  C    sing N N 226 
PRO CA  CB   sing N N 227 
PRO CA  HA   sing N N 228 
PRO C   O    doub N N 229 
PRO C   OXT  sing N N 230 
PRO CB  CG   sing N N 231 
PRO CB  HB2  sing N N 232 
PRO CB  HB3  sing N N 233 
PRO CG  CD   sing N N 234 
PRO CG  HG2  sing N N 235 
PRO CG  HG3  sing N N 236 
PRO CD  HD2  sing N N 237 
PRO CD  HD3  sing N N 238 
PRO OXT HXT  sing N N 239 
SER N   CA   sing N N 240 
SER N   H    sing N N 241 
SER N   H2   sing N N 242 
SER CA  C    sing N N 243 
SER CA  CB   sing N N 244 
SER CA  HA   sing N N 245 
SER C   O    doub N N 246 
SER C   OXT  sing N N 247 
SER CB  OG   sing N N 248 
SER CB  HB2  sing N N 249 
SER CB  HB3  sing N N 250 
SER OG  HG   sing N N 251 
SER OXT HXT  sing N N 252 
THR N   CA   sing N N 253 
THR N   H    sing N N 254 
THR N   H2   sing N N 255 
THR CA  C    sing N N 256 
THR CA  CB   sing N N 257 
THR CA  HA   sing N N 258 
THR C   O    doub N N 259 
THR C   OXT  sing N N 260 
THR CB  OG1  sing N N 261 
THR CB  CG2  sing N N 262 
THR CB  HB   sing N N 263 
THR OG1 HG1  sing N N 264 
THR CG2 HG21 sing N N 265 
THR CG2 HG22 sing N N 266 
THR CG2 HG23 sing N N 267 
THR OXT HXT  sing N N 268 
VAL N   CA   sing N N 269 
VAL N   H    sing N N 270 
VAL N   H2   sing N N 271 
VAL CA  C    sing N N 272 
VAL CA  CB   sing N N 273 
VAL CA  HA   sing N N 274 
VAL C   O    doub N N 275 
VAL C   OXT  sing N N 276 
VAL CB  CG1  sing N N 277 
VAL CB  CG2  sing N N 278 
VAL CB  HB   sing N N 279 
VAL CG1 HG11 sing N N 280 
VAL CG1 HG12 sing N N 281 
VAL CG1 HG13 sing N N 282 
VAL CG2 HG21 sing N N 283 
VAL CG2 HG22 sing N N 284 
VAL CG2 HG23 sing N N 285 
VAL OXT HXT  sing N N 286 
# 
_atom_sites.entry_id                    3HGL 
_atom_sites.fract_transf_matrix[1][1]   -0.00268209 
_atom_sites.fract_transf_matrix[1][2]   -0.00027192 
_atom_sites.fract_transf_matrix[1][3]   0.01470852 
_atom_sites.fract_transf_matrix[2][1]   -0.00193098 
_atom_sites.fract_transf_matrix[2][2]   -0.01306741 
_atom_sites.fract_transf_matrix[2][3]   0.00700759 
_atom_sites.fract_transf_matrix[3][1]   0.02103431 
_atom_sites.fract_transf_matrix[3][2]   -0.00106188 
_atom_sites.fract_transf_matrix[3][3]   0.00381597 
_atom_sites.fract_transf_vector[1]      0.592161 
_atom_sites.fract_transf_vector[2]      0.431723 
_atom_sites.fract_transf_vector[3]      0.041403 
# 
loop_
_atom_type.symbol 
C  
N  
O  
SE 
# 
loop_
_atom_site.group_PDB 
_atom_site.id 
_atom_site.type_symbol 
_atom_site.label_atom_id 
_atom_site.label_alt_id 
_atom_site.label_comp_id 
_atom_site.label_asym_id 
_atom_site.label_entity_id 
_atom_site.label_seq_id 
_atom_site.pdbx_PDB_ins_code 
_atom_site.Cartn_x 
_atom_site.Cartn_y 
_atom_site.Cartn_z 
_atom_site.occupancy 
_atom_site.B_iso_or_equiv 
_atom_site.pdbx_formal_charge 
_atom_site.auth_seq_id 
_atom_site.auth_comp_id 
_atom_site.auth_asym_id 
_atom_site.auth_atom_id 
_atom_site.pdbx_PDB_model_num 
ATOM   1   N  N   . GLY A 1 4  ? -0.153  -15.887 4.963   1.00 40.97 ? 1   GLY A N   1 
ATOM   2   C  CA  . GLY A 1 4  ? -1.281  -15.478 4.077   1.00 39.29 ? 1   GLY A CA  1 
ATOM   3   C  C   . GLY A 1 4  ? -1.187  -14.012 3.700   1.00 38.58 ? 1   GLY A C   1 
ATOM   4   O  O   . GLY A 1 4  ? -0.844  -13.670 2.567   1.00 37.77 ? 1   GLY A O   1 
ATOM   5   N  N   . ALA A 1 5  ? -1.488  -13.139 4.656   1.00 37.58 ? 2   ALA A N   1 
ATOM   6   C  CA  . ALA A 1 5  ? -1.432  -11.703 4.421   1.00 36.55 ? 2   ALA A CA  1 
ATOM   7   C  C   . ALA A 1 5  ? 0.011   -11.263 4.181   1.00 34.95 ? 2   ALA A C   1 
ATOM   8   O  O   . ALA A 1 5  ? 0.260   -10.280 3.484   1.00 33.76 ? 2   ALA A O   1 
ATOM   9   C  CB  . ALA A 1 5  ? -2.030  -10.951 5.617   1.00 36.26 ? 2   ALA A CB  1 
ATOM   10  N  N   . VAL A 1 6  ? 0.959   -11.996 4.757   1.00 34.66 ? 3   VAL A N   1 
ATOM   11  C  CA  . VAL A 1 6  ? 2.374   -11.674 4.586   1.00 34.62 ? 3   VAL A CA  1 
ATOM   12  C  C   . VAL A 1 6  ? 2.778   -11.887 3.128   1.00 34.14 ? 3   VAL A C   1 
ATOM   13  O  O   . VAL A 1 6  ? 3.376   -11.006 2.501   1.00 32.49 ? 3   VAL A O   1 
ATOM   14  C  CB  . VAL A 1 6  ? 3.267   -12.552 5.500   1.00 36.24 ? 3   VAL A CB  1 
ATOM   15  C  CG1 . VAL A 1 6  ? 4.739   -12.267 5.234   1.00 35.87 ? 3   VAL A CG1 1 
ATOM   16  C  CG2 . VAL A 1 6  ? 2.943   -12.271 6.960   1.00 36.91 ? 3   VAL A CG2 1 
ATOM   17  N  N   . ALA A 1 7  ? 2.436   -13.052 2.584   1.00 33.08 ? 4   ALA A N   1 
ATOM   18  C  CA  . ALA A 1 7  ? 2.766   -13.356 1.196   1.00 32.83 ? 4   ALA A CA  1 
ATOM   19  C  C   . ALA A 1 7  ? 2.067   -12.352 0.280   1.00 30.64 ? 4   ALA A C   1 
ATOM   20  O  O   . ALA A 1 7  ? 2.647   -11.875 -0.695  1.00 29.93 ? 4   ALA A O   1 
ATOM   21  C  CB  . ALA A 1 7  ? 2.332   -14.785 0.848   1.00 34.26 ? 4   ALA A CB  1 
ATOM   22  N  N   . HIS A 1 8  ? 0.817   -12.041 0.606   1.00 28.44 ? 5   HIS A N   1 
ATOM   23  C  CA  . HIS A 1 8  ? 0.015   -11.094 -0.169  1.00 28.86 ? 5   HIS A CA  1 
ATOM   24  C  C   . HIS A 1 8  ? 0.727   -9.731  -0.203  1.00 27.79 ? 5   HIS A C   1 
ATOM   25  O  O   . HIS A 1 8  ? 0.927   -9.151  -1.270  1.00 27.27 ? 5   HIS A O   1 
ATOM   26  C  CB  . HIS A 1 8  ? -1.370  -10.957 0.475   1.00 26.88 ? 5   HIS A CB  1 
ATOM   27  C  CG  . HIS A 1 8  ? -2.384  -10.255 -0.380  1.00 26.16 ? 5   HIS A CG  1 
ATOM   28  N  ND1 . HIS A 1 8  ? -2.044  -9.498  -1.481  1.00 29.87 ? 5   HIS A ND1 1 
ATOM   29  C  CD2 . HIS A 1 8  ? -3.729  -10.168 -0.267  1.00 23.19 ? 5   HIS A CD2 1 
ATOM   30  C  CE1 . HIS A 1 8  ? -3.137  -8.976  -2.009  1.00 24.85 ? 5   HIS A CE1 1 
ATOM   31  N  NE2 . HIS A 1 8  ? -4.174  -9.366  -1.290  1.00 28.18 ? 5   HIS A NE2 1 
ATOM   32  N  N   . ALA A 1 9  ? 1.113   -9.236  0.971   1.00 26.99 ? 6   ALA A N   1 
ATOM   33  C  CA  . ALA A 1 9  ? 1.805   -7.953  1.081   1.00 27.27 ? 6   ALA A CA  1 
ATOM   34  C  C   . ALA A 1 9  ? 3.099   -7.935  0.261   1.00 28.04 ? 6   ALA A C   1 
ATOM   35  O  O   . ALA A 1 9  ? 3.382   -6.964  -0.447  1.00 25.79 ? 6   ALA A O   1 
ATOM   36  C  CB  . ALA A 1 9  ? 2.109   -7.647  2.555   1.00 27.47 ? 6   ALA A CB  1 
ATOM   37  N  N   . ASN A 1 10 ? 3.893   -8.999  0.361   1.00 27.75 ? 7   ASN A N   1 
ATOM   38  C  CA  . ASN A 1 10 ? 5.138   -9.058  -0.398  1.00 28.51 ? 7   ASN A CA  1 
ATOM   39  C  C   . ASN A 1 10 ? 4.872   -8.968  -1.903  1.00 27.36 ? 7   ASN A C   1 
ATOM   40  O  O   . ASN A 1 10 ? 5.634   -8.339  -2.635  1.00 27.24 ? 7   ASN A O   1 
ATOM   41  C  CB  . ASN A 1 10 ? 5.915   -10.345 -0.089  1.00 31.19 ? 7   ASN A CB  1 
ATOM   42  C  CG  . ASN A 1 10 ? 6.546   -10.332 1.297   1.00 35.86 ? 7   ASN A CG  1 
ATOM   43  O  OD1 . ASN A 1 10 ? 7.006   -9.291  1.774   1.00 35.37 ? 7   ASN A OD1 1 
ATOM   44  N  ND2 . ASN A 1 10 ? 6.584   -11.495 1.945   1.00 37.51 ? 7   ASN A ND2 1 
ATOM   45  N  N   . SER A 1 11 ? 3.788   -9.589  -2.362  1.00 26.07 ? 8   SER A N   1 
ATOM   46  C  CA  . SER A 1 11 ? 3.446   -9.559  -3.781  1.00 25.04 ? 8   SER A CA  1 
ATOM   47  C  C   . SER A 1 11 ? 3.060   -8.154  -4.227  1.00 25.40 ? 8   SER A C   1 
ATOM   48  O  O   . SER A 1 11 ? 3.350   -7.748  -5.353  1.00 24.26 ? 8   SER A O   1 
ATOM   49  C  CB  . SER A 1 11 ? 2.297   -10.528 -4.075  1.00 26.48 ? 8   SER A CB  1 
ATOM   50  O  OG  . SER A 1 11 ? 2.706   -11.870 -3.850  1.00 28.62 ? 8   SER A OG  1 
ATOM   51  N  N   . ILE A 1 12 ? 2.394   -7.413  -3.344  1.00 24.41 ? 9   ILE A N   1 
ATOM   52  C  CA  . ILE A 1 12 ? 1.997   -6.048  -3.671  1.00 24.65 ? 9   ILE A CA  1 
ATOM   53  C  C   . ILE A 1 12 ? 3.247   -5.194  -3.875  1.00 23.66 ? 9   ILE A C   1 
ATOM   54  O  O   . ILE A 1 12 ? 3.299   -4.372  -4.788  1.00 23.81 ? 9   ILE A O   1 
ATOM   55  C  CB  . ILE A 1 12 ? 1.126   -5.431  -2.557  1.00 23.88 ? 9   ILE A CB  1 
ATOM   56  C  CG1 . ILE A 1 12 ? -0.226  -6.150  -2.502  1.00 25.48 ? 9   ILE A CG1 1 
ATOM   57  C  CG2 . ILE A 1 12 ? 0.936   -3.935  -2.812  1.00 26.42 ? 9   ILE A CG2 1 
ATOM   58  C  CD1 . ILE A 1 12 ? -1.103  -5.747  -1.321  1.00 25.61 ? 9   ILE A CD1 1 
ATOM   59  N  N   . VAL A 1 13 ? 4.255   -5.388  -3.031  1.00 24.57 ? 10  VAL A N   1 
ATOM   60  C  CA  . VAL A 1 13 ? 5.494   -4.630  -3.172  1.00 25.96 ? 10  VAL A CA  1 
ATOM   61  C  C   . VAL A 1 13 ? 6.094   -4.940  -4.545  1.00 27.39 ? 10  VAL A C   1 
ATOM   62  O  O   . VAL A 1 13 ? 6.508   -4.038  -5.272  1.00 26.33 ? 10  VAL A O   1 
ATOM   63  C  CB  . VAL A 1 13 ? 6.515   -4.996  -2.069  1.00 27.80 ? 10  VAL A CB  1 
ATOM   64  C  CG1 . VAL A 1 13 ? 7.871   -4.358  -2.371  1.00 29.25 ? 10  VAL A CG1 1 
ATOM   65  C  CG2 . VAL A 1 13 ? 6.004   -4.517  -0.717  1.00 27.08 ? 10  VAL A CG2 1 
ATOM   66  N  N   . GLN A 1 14 ? 6.122   -6.223  -4.901  1.00 29.92 ? 11  GLN A N   1 
ATOM   67  C  CA  . GLN A 1 14 ? 6.655   -6.654  -6.189  1.00 29.47 ? 11  GLN A CA  1 
ATOM   68  C  C   . GLN A 1 14 ? 5.897   -5.976  -7.323  1.00 29.16 ? 11  GLN A C   1 
ATOM   69  O  O   . GLN A 1 14 ? 6.499   -5.493  -8.287  1.00 27.73 ? 11  GLN A O   1 
ATOM   70  C  CB  . GLN A 1 14 ? 6.529   -8.175  -6.330  1.00 33.36 ? 11  GLN A CB  1 
ATOM   71  C  CG  . GLN A 1 14 ? 7.363   -8.962  -5.340  1.00 38.62 ? 11  GLN A CG  1 
ATOM   72  C  CD  . GLN A 1 14 ? 8.843   -8.867  -5.634  1.00 43.75 ? 11  GLN A CD  1 
ATOM   73  O  OE1 . GLN A 1 14 ? 9.311   -9.337  -6.672  1.00 47.57 ? 11  GLN A OE1 1 
ATOM   74  N  NE2 . GLN A 1 14 ? 9.589   -8.248  -4.730  1.00 44.93 ? 11  GLN A NE2 1 
ATOM   75  N  N   . GLN A 1 15 ? 4.572   -5.938  -7.204  1.00 27.01 ? 12  GLN A N   1 
ATOM   76  C  CA  . GLN A 1 15 ? 3.739   -5.320  -8.228  1.00 27.19 ? 12  GLN A CA  1 
ATOM   77  C  C   . GLN A 1 15 ? 4.055   -3.828  -8.361  1.00 27.18 ? 12  GLN A C   1 
ATOM   78  O  O   . GLN A 1 15 ? 4.201   -3.317  -9.473  1.00 27.61 ? 12  GLN A O   1 
ATOM   79  C  CB  . GLN A 1 15 ? 2.255   -5.512  -7.895  1.00 26.65 ? 12  GLN A CB  1 
ATOM   80  C  CG  . GLN A 1 15 ? 1.305   -4.940  -8.944  1.00 27.98 ? 12  GLN A CG  1 
ATOM   81  C  CD  . GLN A 1 15 ? -0.149  -5.295  -8.681  1.00 28.81 ? 12  GLN A CD  1 
ATOM   82  O  OE1 . GLN A 1 15 ? -0.490  -5.827  -7.625  1.00 29.19 ? 12  GLN A OE1 1 
ATOM   83  N  NE2 . GLN A 1 15 ? -1.018  -4.990  -9.645  1.00 29.22 ? 12  GLN A NE2 1 
ATOM   84  N  N   . LEU A 1 16 ? 4.163   -3.135  -7.230  1.00 27.34 ? 13  LEU A N   1 
ATOM   85  C  CA  . LEU A 1 16 ? 4.469   -1.707  -7.246  1.00 28.04 ? 13  LEU A CA  1 
ATOM   86  C  C   . LEU A 1 16 ? 5.791   -1.438  -7.957  1.00 28.82 ? 13  LEU A C   1 
ATOM   87  O  O   . LEU A 1 16 ? 5.865   -0.599  -8.854  1.00 30.94 ? 13  LEU A O   1 
ATOM   88  C  CB  . LEU A 1 16 ? 4.539   -1.167  -5.814  1.00 25.25 ? 13  LEU A CB  1 
ATOM   89  C  CG  . LEU A 1 16 ? 3.179   -1.020  -5.119  1.00 26.17 ? 13  LEU A CG  1 
ATOM   90  C  CD1 . LEU A 1 16 ? 3.371   -0.869  -3.617  1.00 23.02 ? 13  LEU A CD1 1 
ATOM   91  C  CD2 . LEU A 1 16 ? 2.438   0.184   -5.705  1.00 26.51 ? 13  LEU A CD2 1 
ATOM   92  N  N   . VAL A 1 17 ? 6.832   -2.151  -7.545  1.00 31.10 ? 14  VAL A N   1 
ATOM   93  C  CA  . VAL A 1 17 ? 8.153   -1.993  -8.136  1.00 32.89 ? 14  VAL A CA  1 
ATOM   94  C  C   . VAL A 1 17 ? 8.098   -2.284  -9.632  1.00 33.62 ? 14  VAL A C   1 
ATOM   95  O  O   . VAL A 1 17 ? 8.572   -1.493  -10.448 1.00 33.16 ? 14  VAL A O   1 
ATOM   96  C  CB  . VAL A 1 17 ? 9.179   -2.942  -7.468  1.00 34.07 ? 14  VAL A CB  1 
ATOM   97  C  CG1 . VAL A 1 17 ? 10.544  -2.795  -8.130  1.00 37.29 ? 14  VAL A CG1 1 
ATOM   98  C  CG2 . VAL A 1 17 ? 9.279   -2.634  -5.977  1.00 35.49 ? 14  VAL A CG2 1 
ATOM   99  N  N   . SER A 1 18 ? 7.501   -3.415  -9.990  1.00 33.63 ? 15  SER A N   1 
ATOM   100 C  CA  . SER A 1 18 ? 7.392   -3.811  -11.388 1.00 35.23 ? 15  SER A CA  1 
ATOM   101 C  C   . SER A 1 18 ? 6.696   -2.754  -12.242 1.00 35.00 ? 15  SER A C   1 
ATOM   102 O  O   . SER A 1 18 ? 7.083   -2.515  -13.384 1.00 34.59 ? 15  SER A O   1 
ATOM   103 C  CB  . SER A 1 18 ? 6.636   -5.140  -11.499 1.00 35.76 ? 15  SER A CB  1 
ATOM   104 O  OG  . SER A 1 18 ? 6.489   -5.527  -12.852 1.00 39.62 ? 15  SER A OG  1 
ATOM   105 N  N   . GLU A 1 19 ? 5.675   -2.110  -11.688 1.00 34.14 ? 16  GLU A N   1 
ATOM   106 C  CA  . GLU A 1 19 ? 4.950   -1.102  -12.445 1.00 33.48 ? 16  GLU A CA  1 
ATOM   107 C  C   . GLU A 1 19 ? 5.579   0.294   -12.420 1.00 32.78 ? 16  GLU A C   1 
ATOM   108 O  O   . GLU A 1 19 ? 4.998   1.257   -12.921 1.00 33.75 ? 16  GLU A O   1 
ATOM   109 C  CB  . GLU A 1 19 ? 3.485   -1.070  -11.992 1.00 33.47 ? 16  GLU A CB  1 
ATOM   110 C  CG  . GLU A 1 19 ? 2.743   -2.335  -12.414 1.00 34.40 ? 16  GLU A CG  1 
ATOM   111 C  CD  . GLU A 1 19 ? 1.259   -2.292  -12.149 1.00 35.53 ? 16  GLU A CD  1 
ATOM   112 O  OE1 . GLU A 1 19 ? 0.634   -1.250  -12.435 1.00 35.05 ? 16  GLU A OE1 1 
ATOM   113 O  OE2 . GLU A 1 19 ? 0.709   -3.308  -11.668 1.00 36.64 ? 16  GLU A OE2 1 
ATOM   114 N  N   . GLY A 1 20 ? 6.776   0.395   -11.851 1.00 33.15 ? 17  GLY A N   1 
ATOM   115 C  CA  . GLY A 1 20 ? 7.473   1.670   -11.814 1.00 33.51 ? 17  GLY A CA  1 
ATOM   116 C  C   . GLY A 1 20 ? 7.032   2.669   -10.761 1.00 34.42 ? 17  GLY A C   1 
ATOM   117 O  O   . GLY A 1 20 ? 7.287   3.866   -10.897 1.00 35.39 ? 17  GLY A O   1 
ATOM   118 N  N   . ALA A 1 21 ? 6.372   2.198   -9.707  1.00 32.08 ? 18  ALA A N   1 
ATOM   119 C  CA  . ALA A 1 21 ? 5.930   3.102   -8.650  1.00 31.71 ? 18  ALA A CA  1 
ATOM   120 C  C   . ALA A 1 21 ? 7.110   3.479   -7.762  1.00 31.58 ? 18  ALA A C   1 
ATOM   121 O  O   . ALA A 1 21 ? 8.061   2.710   -7.619  1.00 32.00 ? 18  ALA A O   1 
ATOM   122 C  CB  . ALA A 1 21 ? 4.837   2.435   -7.812  1.00 31.63 ? 18  ALA A CB  1 
ATOM   123 N  N   . ASP A 1 22 ? 7.059   4.674   -7.184  1.00 30.48 ? 19  ASP A N   1 
ATOM   124 C  CA  . ASP A 1 22 ? 8.107   5.133   -6.275  1.00 29.04 ? 19  ASP A CA  1 
ATOM   125 C  C   . ASP A 1 22 ? 7.644   4.685   -4.886  1.00 28.16 ? 19  ASP A C   1 
ATOM   126 O  O   . ASP A 1 22 ? 6.847   5.367   -4.238  1.00 26.11 ? 19  ASP A O   1 
ATOM   127 C  CB  . ASP A 1 22 ? 8.221   6.660   -6.346  1.00 30.14 ? 19  ASP A CB  1 
ATOM   128 C  CG  . ASP A 1 22 ? 9.051   7.243   -5.217  1.00 31.72 ? 19  ASP A CG  1 
ATOM   129 O  OD1 . ASP A 1 22 ? 9.790   6.486   -4.553  1.00 30.52 ? 19  ASP A OD1 1 
ATOM   130 O  OD2 . ASP A 1 22 ? 8.974   8.473   -5.001  1.00 35.62 ? 19  ASP A OD2 1 
ATOM   131 N  N   . ILE A 1 23 ? 8.135   3.536   -4.428  1.00 27.02 ? 20  ILE A N   1 
ATOM   132 C  CA  . ILE A 1 23 ? 7.687   3.021   -3.141  1.00 27.00 ? 20  ILE A CA  1 
ATOM   133 C  C   . ILE A 1 23 ? 7.980   3.886   -1.922  1.00 26.14 ? 20  ILE A C   1 
ATOM   134 O  O   . ILE A 1 23 ? 7.367   3.687   -0.870  1.00 24.28 ? 20  ILE A O   1 
ATOM   135 C  CB  . ILE A 1 23 ? 8.177   1.565   -2.899  1.00 29.91 ? 20  ILE A CB  1 
ATOM   136 C  CG1 . ILE A 1 23 ? 9.693   1.469   -3.035  1.00 31.25 ? 20  ILE A CG1 1 
ATOM   137 C  CG2 . ILE A 1 23 ? 7.498   0.629   -3.890  1.00 30.14 ? 20  ILE A CG2 1 
ATOM   138 C  CD1 . ILE A 1 23 ? 10.238  0.111   -2.605  1.00 33.25 ? 20  ILE A CD1 1 
ATOM   139 N  N   . SER A 1 24 ? 8.899   4.843   -2.040  1.00 26.08 ? 21  SER A N   1 
ATOM   140 C  CA  . SER A 1 24 ? 9.162   5.725   -0.904  1.00 26.47 ? 21  SER A CA  1 
ATOM   141 C  C   . SER A 1 24 ? 7.913   6.607   -0.802  1.00 25.06 ? 21  SER A C   1 
ATOM   142 O  O   . SER A 1 24 ? 7.444   6.924   0.291   1.00 26.00 ? 21  SER A O   1 
ATOM   143 C  CB  . SER A 1 24 ? 10.426  6.583   -1.127  1.00 26.09 ? 21  SER A CB  1 
ATOM   144 O  OG  . SER A 1 24 ? 10.257  7.541   -2.165  1.00 27.43 ? 21  SER A OG  1 
ATOM   145 N  N   . HIS A 1 25 ? 7.367   6.978   -1.956  1.00 25.81 ? 22  HIS A N   1 
ATOM   146 C  CA  . HIS A 1 25 ? 6.151   7.788   -1.997  1.00 24.34 ? 22  HIS A CA  1 
ATOM   147 C  C   . HIS A 1 25 ? 4.960   6.937   -1.546  1.00 23.40 ? 22  HIS A C   1 
ATOM   148 O  O   . HIS A 1 25 ? 4.073   7.409   -0.839  1.00 22.25 ? 22  HIS A O   1 
ATOM   149 C  CB  . HIS A 1 25 ? 5.909   8.325   -3.417  1.00 23.83 ? 22  HIS A CB  1 
ATOM   150 C  CG  . HIS A 1 25 ? 4.594   9.030   -3.587  1.00 25.21 ? 22  HIS A CG  1 
ATOM   151 N  ND1 . HIS A 1 25 ? 3.437   8.372   -3.945  1.00 24.92 ? 22  HIS A ND1 1 
ATOM   152 C  CD2 . HIS A 1 25 ? 4.252   10.330  -3.423  1.00 25.65 ? 22  HIS A CD2 1 
ATOM   153 C  CE1 . HIS A 1 25 ? 2.437   9.235   -3.995  1.00 25.02 ? 22  HIS A CE1 1 
ATOM   154 N  NE2 . HIS A 1 25 ? 2.905   10.430  -3.682  1.00 26.38 ? 22  HIS A NE2 1 
ATOM   155 N  N   . THR A 1 26 ? 4.949   5.670   -1.944  1.00 24.05 ? 23  THR A N   1 
ATOM   156 C  CA  . THR A 1 26 ? 3.851   4.792   -1.558  1.00 23.55 ? 23  THR A CA  1 
ATOM   157 C  C   . THR A 1 26 ? 3.819   4.645   -0.039  1.00 23.16 ? 23  THR A C   1 
ATOM   158 O  O   . THR A 1 26 ? 2.746   4.605   0.557   1.00 21.54 ? 23  THR A O   1 
ATOM   159 C  CB  . THR A 1 26 ? 3.981   3.405   -2.215  1.00 23.99 ? 23  THR A CB  1 
ATOM   160 O  OG1 . THR A 1 26 ? 4.202   3.576   -3.619  1.00 24.00 ? 23  THR A OG1 1 
ATOM   161 C  CG2 . THR A 1 26 ? 2.699   2.590   -2.009  1.00 22.13 ? 23  THR A CG2 1 
ATOM   162 N  N   . ARG A 1 27 ? 4.991   4.570   0.590   1.00 23.21 ? 24  ARG A N   1 
ATOM   163 C  CA  . ARG A 1 27 ? 5.042   4.452   2.047   1.00 23.77 ? 24  ARG A CA  1 
ATOM   164 C  C   . ARG A 1 27 ? 4.374   5.662   2.695   1.00 23.99 ? 24  ARG A C   1 
ATOM   165 O  O   . ARG A 1 27 ? 3.624   5.521   3.661   1.00 23.18 ? 24  ARG A O   1 
ATOM   166 C  CB  . ARG A 1 27 ? 6.487   4.361   2.554   1.00 24.60 ? 24  ARG A CB  1 
ATOM   167 C  CG  . ARG A 1 27 ? 7.217   3.067   2.228   1.00 27.92 ? 24  ARG A CG  1 
ATOM   168 C  CD  . ARG A 1 27 ? 8.545   3.005   3.000   1.00 26.81 ? 24  ARG A CD  1 
ATOM   169 N  NE  . ARG A 1 27 ? 8.316   2.983   4.442   1.00 28.65 ? 24  ARG A NE  1 
ATOM   170 C  CZ  . ARG A 1 27 ? 9.189   3.423   5.345   1.00 31.15 ? 24  ARG A CZ  1 
ATOM   171 N  NH1 . ARG A 1 27 ? 10.351  3.923   4.954   1.00 30.77 ? 24  ARG A NH1 1 
ATOM   172 N  NH2 . ARG A 1 27 ? 8.903   3.365   6.640   1.00 31.26 ? 24  ARG A NH2 1 
ATOM   173 N  N   . ASN A 1 28 ? 4.657   6.854   2.174   1.00 26.12 ? 25  ASN A N   1 
ATOM   174 C  CA  . ASN A 1 28 ? 4.064   8.078   2.720   1.00 27.35 ? 25  ASN A CA  1 
ATOM   175 C  C   . ASN A 1 28 ? 2.556   8.072   2.598   1.00 27.63 ? 25  ASN A C   1 
ATOM   176 O  O   . ASN A 1 28 ? 1.844   8.425   3.541   1.00 26.40 ? 25  ASN A O   1 
ATOM   177 C  CB  . ASN A 1 28 ? 4.573   9.323   1.996   1.00 31.67 ? 25  ASN A CB  1 
ATOM   178 C  CG  . ASN A 1 28 ? 6.047   9.536   2.171   1.00 33.45 ? 25  ASN A CG  1 
ATOM   179 O  OD1 . ASN A 1 28 ? 6.626   9.137   3.176   1.00 34.76 ? 25  ASN A OD1 1 
ATOM   180 N  ND2 . ASN A 1 28 ? 6.672   10.189  1.192   1.00 36.34 ? 25  ASN A ND2 1 
HETATM 181 N  N   . MSE A 1 29 ? 2.064   7.698   1.422   1.00 28.17 ? 26  MSE A N   1 
HETATM 182 C  CA  . MSE A 1 29 ? 0.623   7.674   1.199   1.00 29.17 ? 26  MSE A CA  1 
HETATM 183 C  C   . MSE A 1 29 ? -0.067  6.626   2.053   1.00 26.72 ? 26  MSE A C   1 
HETATM 184 O  O   . MSE A 1 29 ? -1.141  6.882   2.596   1.00 24.53 ? 26  MSE A O   1 
HETATM 185 C  CB  . MSE A 1 29 ? 0.310   7.418   -0.277  1.00 33.07 ? 26  MSE A CB  1 
HETATM 186 C  CG  . MSE A 1 29 ? 0.511   8.618   -1.186  1.00 42.05 ? 26  MSE A CG  1 
HETATM 187 SE SE  . MSE A 1 29 ? -0.471  10.167  -0.578  1.00 53.28 ? 26  MSE A SE  1 
HETATM 188 C  CE  . MSE A 1 29 ? 0.971   10.992  0.398   1.00 52.42 ? 26  MSE A CE  1 
ATOM   189 N  N   . LEU A 1 30 ? 0.543   5.447   2.168   1.00 23.92 ? 27  LEU A N   1 
ATOM   190 C  CA  . LEU A 1 30 ? -0.049  4.382   2.971   1.00 23.14 ? 27  LEU A CA  1 
ATOM   191 C  C   . LEU A 1 30 ? -0.124  4.838   4.423   1.00 23.73 ? 27  LEU A C   1 
ATOM   192 O  O   . LEU A 1 30 ? -1.099  4.556   5.117   1.00 22.48 ? 27  LEU A O   1 
ATOM   193 C  CB  . LEU A 1 30 ? 0.772   3.086   2.863   1.00 22.18 ? 27  LEU A CB  1 
ATOM   194 C  CG  . LEU A 1 30 ? 0.277   1.877   3.686   1.00 23.52 ? 27  LEU A CG  1 
ATOM   195 C  CD1 . LEU A 1 30 ? -1.170  1.557   3.319   1.00 24.12 ? 27  LEU A CD1 1 
ATOM   196 C  CD2 . LEU A 1 30 ? 1.195   0.659   3.436   1.00 23.20 ? 27  LEU A CD2 1 
ATOM   197 N  N   . ARG A 1 31 ? 0.908   5.548   4.877   1.00 23.86 ? 28  ARG A N   1 
ATOM   198 C  CA  . ARG A 1 31 ? 0.933   6.055   6.247   1.00 24.61 ? 28  ARG A CA  1 
ATOM   199 C  C   . ARG A 1 31 ? -0.233  7.030   6.437   1.00 23.94 ? 28  ARG A C   1 
ATOM   200 O  O   . ARG A 1 31 ? -0.941  6.973   7.445   1.00 24.89 ? 28  ARG A O   1 
ATOM   201 C  CB  . ARG A 1 31 ? 2.269   6.756   6.546   1.00 24.50 ? 28  ARG A CB  1 
ATOM   202 C  CG  . ARG A 1 31 ? 2.318   7.413   7.928   1.00 26.19 ? 28  ARG A CG  1 
ATOM   203 C  CD  . ARG A 1 31 ? 3.693   8.013   8.241   1.00 28.48 ? 28  ARG A CD  1 
ATOM   204 N  NE  . ARG A 1 31 ? 4.744   7.004   8.145   1.00 27.41 ? 28  ARG A NE  1 
ATOM   205 C  CZ  . ARG A 1 31 ? 5.611   6.918   7.141   1.00 25.28 ? 28  ARG A CZ  1 
ATOM   206 N  NH1 . ARG A 1 31 ? 5.566   7.793   6.142   1.00 27.90 ? 28  ARG A NH1 1 
ATOM   207 N  NH2 . ARG A 1 31 ? 6.499   5.934   7.115   1.00 25.48 ? 28  ARG A NH2 1 
ATOM   208 N  N   . ASN A 1 32 ? -0.429  7.923   5.469   1.00 24.54 ? 29  ASN A N   1 
ATOM   209 C  CA  . ASN A 1 32 ? -1.537  8.886   5.520   1.00 26.66 ? 29  ASN A CA  1 
ATOM   210 C  C   . ASN A 1 32 ? -2.877  8.156   5.561   1.00 26.22 ? 29  ASN A C   1 
ATOM   211 O  O   . ASN A 1 32 ? -3.744  8.471   6.382   1.00 26.90 ? 29  ASN A O   1 
ATOM   212 C  CB  . ASN A 1 32 ? -1.533  9.783   4.281   1.00 28.30 ? 29  ASN A CB  1 
ATOM   213 C  CG  . ASN A 1 32 ? -0.539  10.919  4.381   1.00 31.47 ? 29  ASN A CG  1 
ATOM   214 O  OD1 . ASN A 1 32 ? 0.300   10.956  5.277   1.00 29.02 ? 29  ASN A OD1 1 
ATOM   215 N  ND2 . ASN A 1 32 ? -0.631  11.857  3.449   1.00 34.50 ? 29  ASN A ND2 1 
ATOM   216 N  N   . ALA A 1 33 ? -3.045  7.187   4.667   1.00 26.09 ? 30  ALA A N   1 
ATOM   217 C  CA  . ALA A 1 33 ? -4.292  6.432   4.599   1.00 25.17 ? 30  ALA A CA  1 
ATOM   218 C  C   . ALA A 1 33 ? -4.606  5.740   5.915   1.00 27.31 ? 30  ALA A C   1 
ATOM   219 O  O   . ALA A 1 33 ? -5.736  5.805   6.406   1.00 24.48 ? 30  ALA A O   1 
ATOM   220 C  CB  . ALA A 1 33 ? -4.223  5.402   3.477   1.00 24.67 ? 30  ALA A CB  1 
HETATM 221 N  N   . MSE A 1 34 ? -3.602  5.076   6.486   1.00 24.96 ? 31  MSE A N   1 
HETATM 222 C  CA  . MSE A 1 34 ? -3.800  4.370   7.743   1.00 27.88 ? 31  MSE A CA  1 
HETATM 223 C  C   . MSE A 1 34 ? -4.066  5.293   8.927   1.00 28.85 ? 31  MSE A C   1 
HETATM 224 O  O   . MSE A 1 34 ? -4.554  4.843   9.961   1.00 30.90 ? 31  MSE A O   1 
HETATM 225 C  CB  . MSE A 1 34 ? -2.612  3.442   8.020   1.00 27.12 ? 31  MSE A CB  1 
HETATM 226 C  CG  . MSE A 1 34 ? -2.596  2.259   7.047   1.00 27.84 ? 31  MSE A CG  1 
HETATM 227 SE SE  . MSE A 1 34 ? -1.050  1.110   7.134   1.00 35.16 ? 31  MSE A SE  1 
HETATM 228 C  CE  . MSE A 1 34 ? -1.551  0.091   8.700   1.00 25.24 ? 31  MSE A CE  1 
ATOM   229 N  N   . ASN A 1 35 ? -3.745  6.576   8.775   1.00 28.92 ? 32  ASN A N   1 
ATOM   230 C  CA  . ASN A 1 35 ? -4.009  7.549   9.834   1.00 29.97 ? 32  ASN A CA  1 
ATOM   231 C  C   . ASN A 1 35 ? -5.346  8.240   9.578   1.00 31.03 ? 32  ASN A C   1 
ATOM   232 O  O   . ASN A 1 35 ? -5.813  9.041   10.390  1.00 30.14 ? 32  ASN A O   1 
ATOM   233 C  CB  . ASN A 1 35 ? -2.910  8.618   9.905   1.00 31.66 ? 32  ASN A CB  1 
ATOM   234 C  CG  . ASN A 1 35 ? -1.668  8.131   10.622  1.00 32.85 ? 32  ASN A CG  1 
ATOM   235 O  OD1 . ASN A 1 35 ? -1.752  7.332   11.550  1.00 34.42 ? 32  ASN A OD1 1 
ATOM   236 N  ND2 . ASN A 1 35 ? -0.508  8.626   10.205  1.00 34.39 ? 32  ASN A ND2 1 
ATOM   237 N  N   . GLY A 1 36 ? -5.960  7.924   8.441   1.00 28.90 ? 33  GLY A N   1 
ATOM   238 C  CA  . GLY A 1 36 ? -7.221  8.545   8.104   1.00 29.03 ? 33  GLY A CA  1 
ATOM   239 C  C   . GLY A 1 36 ? -7.028  9.950   7.564   1.00 31.79 ? 33  GLY A C   1 
ATOM   240 O  O   . GLY A 1 36 ? -7.963  10.755  7.576   1.00 31.45 ? 33  GLY A O   1 
ATOM   241 N  N   . ASP A 1 37 ? -5.813  10.259  7.111   1.00 29.09 ? 34  ASP A N   1 
ATOM   242 C  CA  . ASP A 1 37 ? -5.533  11.570  6.535   1.00 31.32 ? 34  ASP A CA  1 
ATOM   243 C  C   . ASP A 1 37 ? -5.975  11.535  5.079   1.00 31.48 ? 34  ASP A C   1 
ATOM   244 O  O   . ASP A 1 37 ? -6.090  10.460  4.485   1.00 29.82 ? 34  ASP A O   1 
ATOM   245 C  CB  . ASP A 1 37 ? -4.031  11.896  6.566   1.00 33.95 ? 34  ASP A CB  1 
ATOM   246 C  CG  . ASP A 1 37 ? -3.469  11.995  7.974   1.00 37.27 ? 34  ASP A CG  1 
ATOM   247 O  OD1 . ASP A 1 37 ? -4.159  12.520  8.868   1.00 36.87 ? 34  ASP A OD1 1 
ATOM   248 O  OD2 . ASP A 1 37 ? -2.316  11.564  8.181   1.00 42.19 ? 34  ASP A OD2 1 
ATOM   249 N  N   . ALA A 1 38 ? -6.229  12.703  4.500   1.00 32.13 ? 35  ALA A N   1 
ATOM   250 C  CA  . ALA A 1 38 ? -6.613  12.761  3.096   1.00 31.69 ? 35  ALA A CA  1 
ATOM   251 C  C   . ALA A 1 38 ? -5.407  12.205  2.348   1.00 32.01 ? 35  ALA A C   1 
ATOM   252 O  O   . ALA A 1 38 ? -4.268  12.399  2.782   1.00 31.15 ? 35  ALA A O   1 
ATOM   253 C  CB  . ALA A 1 38 ? -6.874  14.204  2.677   1.00 34.05 ? 35  ALA A CB  1 
ATOM   254 N  N   . VAL A 1 39 ? -5.654  11.509  1.244   1.00 30.82 ? 36  VAL A N   1 
ATOM   255 C  CA  . VAL A 1 39 ? -4.578  10.919  0.456   1.00 32.66 ? 36  VAL A CA  1 
ATOM   256 C  C   . VAL A 1 39 ? -4.677  11.270  -1.024  1.00 31.71 ? 36  VAL A C   1 
ATOM   257 O  O   . VAL A 1 39 ? -5.717  11.723  -1.502  1.00 31.58 ? 36  VAL A O   1 
ATOM   258 C  CB  . VAL A 1 39 ? -4.591  9.380   0.577   1.00 33.01 ? 36  VAL A CB  1 
ATOM   259 C  CG1 . VAL A 1 39 ? -4.357  8.973   2.016   1.00 34.71 ? 36  VAL A CG1 1 
ATOM   260 C  CG2 . VAL A 1 39 ? -5.932  8.832   0.075   1.00 35.03 ? 36  VAL A CG2 1 
ATOM   261 N  N   . ALA A 1 40 ? -3.579  11.062  -1.739  1.00 30.43 ? 37  ALA A N   1 
ATOM   262 C  CA  . ALA A 1 40 ? -3.536  11.324  -3.170  1.00 29.14 ? 37  ALA A CA  1 
ATOM   263 C  C   . ALA A 1 40 ? -2.566  10.348  -3.837  1.00 28.56 ? 37  ALA A C   1 
ATOM   264 O  O   . ALA A 1 40 ? -1.470  10.720  -4.272  1.00 25.75 ? 37  ALA A O   1 
ATOM   265 C  CB  . ALA A 1 40 ? -3.119  12.769  -3.438  1.00 31.10 ? 37  ALA A CB  1 
ATOM   266 N  N   . PHE A 1 41 ? -2.975  9.083   -3.897  1.00 27.69 ? 38  PHE A N   1 
ATOM   267 C  CA  . PHE A 1 41 ? -2.168  8.049   -4.531  1.00 29.19 ? 38  PHE A CA  1 
ATOM   268 C  C   . PHE A 1 41 ? -2.009  8.392   -6.001  1.00 29.65 ? 38  PHE A C   1 
ATOM   269 O  O   . PHE A 1 41 ? -2.918  8.955   -6.613  1.00 30.15 ? 38  PHE A O   1 
ATOM   270 C  CB  . PHE A 1 41 ? -2.858  6.686   -4.409  1.00 29.65 ? 38  PHE A CB  1 
ATOM   271 C  CG  . PHE A 1 41 ? -2.811  6.107   -3.029  1.00 32.43 ? 38  PHE A CG  1 
ATOM   272 C  CD1 . PHE A 1 41 ? -1.637  5.535   -2.540  1.00 34.58 ? 38  PHE A CD1 1 
ATOM   273 C  CD2 . PHE A 1 41 ? -3.926  6.160   -2.203  1.00 33.69 ? 38  PHE A CD2 1 
ATOM   274 C  CE1 . PHE A 1 41 ? -1.576  5.026   -1.243  1.00 35.16 ? 38  PHE A CE1 1 
ATOM   275 C  CE2 . PHE A 1 41 ? -3.876  5.655   -0.903  1.00 35.74 ? 38  PHE A CE2 1 
ATOM   276 C  CZ  . PHE A 1 41 ? -2.696  5.086   -0.421  1.00 35.97 ? 38  PHE A CZ  1 
ATOM   277 N  N   . SER A 1 42 ? -0.857  8.060   -6.570  1.00 30.23 ? 39  SER A N   1 
ATOM   278 C  CA  . SER A 1 42 ? -0.630  8.324   -7.986  1.00 31.93 ? 39  SER A CA  1 
ATOM   279 C  C   . SER A 1 42 ? -1.577  7.419   -8.775  1.00 33.49 ? 39  SER A C   1 
ATOM   280 O  O   . SER A 1 42 ? -2.211  6.521   -8.208  1.00 31.33 ? 39  SER A O   1 
ATOM   281 C  CB  . SER A 1 42 ? 0.813   7.992   -8.360  1.00 32.28 ? 39  SER A CB  1 
ATOM   282 O  OG  . SER A 1 42 ? 1.030   6.592   -8.284  1.00 33.73 ? 39  SER A OG  1 
ATOM   283 N  N   . ARG A 1 43 ? -1.677  7.643   -10.081 1.00 34.16 ? 40  ARG A N   1 
ATOM   284 C  CA  . ARG A 1 43 ? -2.551  6.812   -10.894 1.00 36.39 ? 40  ARG A CA  1 
ATOM   285 C  C   . ARG A 1 43 ? -2.130  5.346   -10.801 1.00 33.86 ? 40  ARG A C   1 
ATOM   286 O  O   . ARG A 1 43 ? -2.970  4.461   -10.658 1.00 33.07 ? 40  ARG A O   1 
ATOM   287 C  CB  . ARG A 1 43 ? -2.527  7.275   -12.354 1.00 40.79 ? 40  ARG A CB  1 
ATOM   288 C  CG  . ARG A 1 43 ? -3.126  8.659   -12.559 1.00 47.95 ? 40  ARG A CG  1 
ATOM   289 C  CD  . ARG A 1 43 ? -3.324  8.967   -14.035 1.00 53.62 ? 40  ARG A CD  1 
ATOM   290 N  NE  . ARG A 1 43 ? -4.026  10.232  -14.228 1.00 58.03 ? 40  ARG A NE  1 
ATOM   291 C  CZ  . ARG A 1 43 ? -4.374  10.720  -15.415 1.00 61.04 ? 40  ARG A CZ  1 
ATOM   292 N  NH1 . ARG A 1 43 ? -4.087  10.048  -16.522 1.00 62.16 ? 40  ARG A NH1 1 
ATOM   293 N  NH2 . ARG A 1 43 ? -5.010  11.883  -15.495 1.00 62.46 ? 40  ARG A NH2 1 
ATOM   294 N  N   . VAL A 1 44 ? -0.829  5.095   -10.874 1.00 32.96 ? 41  VAL A N   1 
ATOM   295 C  CA  . VAL A 1 44 ? -0.320  3.730   -10.788 1.00 33.26 ? 41  VAL A CA  1 
ATOM   296 C  C   . VAL A 1 44 ? -0.646  3.101   -9.429  1.00 31.53 ? 41  VAL A C   1 
ATOM   297 O  O   . VAL A 1 44 ? -1.152  1.977   -9.365  1.00 31.03 ? 41  VAL A O   1 
ATOM   298 C  CB  . VAL A 1 44 ? 1.208   3.691   -11.021 1.00 33.70 ? 41  VAL A CB  1 
ATOM   299 C  CG1 . VAL A 1 44 ? 1.754   2.307   -10.702 1.00 34.21 ? 41  VAL A CG1 1 
ATOM   300 C  CG2 . VAL A 1 44 ? 1.517   4.042   -12.471 1.00 35.83 ? 41  VAL A CG2 1 
ATOM   301 N  N   . GLU A 1 45 ? -0.363  3.826   -8.347  1.00 29.11 ? 42  GLU A N   1 
ATOM   302 C  CA  . GLU A 1 45 ? -0.631  3.319   -7.003  1.00 29.41 ? 42  GLU A CA  1 
ATOM   303 C  C   . GLU A 1 45 ? -2.116  3.052   -6.790  1.00 29.50 ? 42  GLU A C   1 
ATOM   304 O  O   . GLU A 1 45 ? -2.503  2.005   -6.272  1.00 28.31 ? 42  GLU A O   1 
ATOM   305 C  CB  . GLU A 1 45 ? -0.146  4.315   -5.939  1.00 27.33 ? 42  GLU A CB  1 
ATOM   306 C  CG  . GLU A 1 45 ? 1.344   4.631   -6.010  1.00 28.14 ? 42  GLU A CG  1 
ATOM   307 C  CD  . GLU A 1 45 ? 1.760   5.775   -5.095  1.00 28.36 ? 42  GLU A CD  1 
ATOM   308 O  OE1 . GLU A 1 45 ? 0.954   6.709   -4.907  1.00 25.99 ? 42  GLU A OE1 1 
ATOM   309 O  OE2 . GLU A 1 45 ? 2.901   5.748   -4.582  1.00 26.71 ? 42  GLU A OE2 1 
ATOM   310 N  N   . GLN A 1 46 ? -2.947  4.010   -7.188  1.00 30.16 ? 43  GLN A N   1 
ATOM   311 C  CA  . GLN A 1 46 ? -4.382  3.867   -7.014  1.00 31.85 ? 43  GLN A CA  1 
ATOM   312 C  C   . GLN A 1 46 ? -4.893  2.631   -7.740  1.00 30.93 ? 43  GLN A C   1 
ATOM   313 O  O   . GLN A 1 46 ? -5.652  1.851   -7.176  1.00 30.28 ? 43  GLN A O   1 
ATOM   314 C  CB  . GLN A 1 46 ? -5.107  5.112   -7.528  1.00 34.61 ? 43  GLN A CB  1 
ATOM   315 C  CG  . GLN A 1 46 ? -6.600  5.096   -7.263  1.00 40.83 ? 43  GLN A CG  1 
ATOM   316 C  CD  . GLN A 1 46 ? -7.262  6.411   -7.607  1.00 45.55 ? 43  GLN A CD  1 
ATOM   317 O  OE1 . GLN A 1 46 ? -7.246  6.847   -8.760  1.00 48.42 ? 43  GLN A OE1 1 
ATOM   318 N  NE2 . GLN A 1 46 ? -7.850  7.058   -6.604  1.00 48.77 ? 43  GLN A NE2 1 
ATOM   319 N  N   . ASN A 1 47 ? -4.472  2.459   -8.988  1.00 30.16 ? 44  ASN A N   1 
ATOM   320 C  CA  . ASN A 1 47 ? -4.894  1.308   -9.784  1.00 31.32 ? 44  ASN A CA  1 
ATOM   321 C  C   . ASN A 1 47 ? -4.503  0.003   -9.086  1.00 30.28 ? 44  ASN A C   1 
ATOM   322 O  O   . ASN A 1 47 ? -5.293  -0.945  -9.018  1.00 29.51 ? 44  ASN A O   1 
ATOM   323 C  CB  . ASN A 1 47 ? -4.256  1.372   -11.176 1.00 32.88 ? 44  ASN A CB  1 
ATOM   324 C  CG  . ASN A 1 47 ? -4.689  0.222   -12.072 1.00 35.91 ? 44  ASN A CG  1 
ATOM   325 O  OD1 . ASN A 1 47 ? -3.869  -0.593  -12.495 1.00 36.09 ? 44  ASN A OD1 1 
ATOM   326 N  ND2 . ASN A 1 47 ? -5.982  0.154   -12.364 1.00 33.49 ? 44  ASN A ND2 1 
ATOM   327 N  N   . ILE A 1 48 ? -3.288  -0.032  -8.549  1.00 27.47 ? 45  ILE A N   1 
ATOM   328 C  CA  . ILE A 1 48 ? -2.801  -1.218  -7.853  1.00 27.08 ? 45  ILE A CA  1 
ATOM   329 C  C   . ILE A 1 48 ? -3.544  -1.468  -6.541  1.00 27.42 ? 45  ILE A C   1 
ATOM   330 O  O   . ILE A 1 48 ? -4.046  -2.565  -6.306  1.00 26.58 ? 45  ILE A O   1 
ATOM   331 C  CB  . ILE A 1 48 ? -1.286  -1.108  -7.570  1.00 26.89 ? 45  ILE A CB  1 
ATOM   332 C  CG1 . ILE A 1 48 ? -0.517  -1.153  -8.895  1.00 26.04 ? 45  ILE A CG1 1 
ATOM   333 C  CG2 . ILE A 1 48 ? -0.838  -2.236  -6.634  1.00 26.77 ? 45  ILE A CG2 1 
ATOM   334 C  CD1 . ILE A 1 48 ? 0.980   -0.948  -8.760  1.00 28.01 ? 45  ILE A CD1 1 
ATOM   335 N  N   . PHE A 1 49 ? -3.625  -0.451  -5.690  1.00 27.98 ? 46  PHE A N   1 
ATOM   336 C  CA  . PHE A 1 49 ? -4.313  -0.601  -4.411  1.00 29.42 ? 46  PHE A CA  1 
ATOM   337 C  C   . PHE A 1 49 ? -5.783  -1.006  -4.537  1.00 30.88 ? 46  PHE A C   1 
ATOM   338 O  O   . PHE A 1 49 ? -6.305  -1.724  -3.681  1.00 29.89 ? 46  PHE A O   1 
ATOM   339 C  CB  . PHE A 1 49 ? -4.180  0.686   -3.586  1.00 30.26 ? 46  PHE A CB  1 
ATOM   340 C  CG  . PHE A 1 49 ? -2.858  0.805   -2.866  1.00 32.33 ? 46  PHE A CG  1 
ATOM   341 C  CD1 . PHE A 1 49 ? -2.797  0.719   -1.479  1.00 34.15 ? 46  PHE A CD1 1 
ATOM   342 C  CD2 . PHE A 1 49 ? -1.674  0.975   -3.579  1.00 36.23 ? 46  PHE A CD2 1 
ATOM   343 C  CE1 . PHE A 1 49 ? -1.578  0.799   -0.807  1.00 35.91 ? 46  PHE A CE1 1 
ATOM   344 C  CE2 . PHE A 1 49 ? -0.442  1.057   -2.918  1.00 37.20 ? 46  PHE A CE2 1 
ATOM   345 C  CZ  . PHE A 1 49 ? -0.395  0.968   -1.530  1.00 34.95 ? 46  PHE A CZ  1 
ATOM   346 N  N   . ARG A 1 50 ? -6.458  -0.564  -5.594  1.00 30.93 ? 47  ARG A N   1 
ATOM   347 C  CA  . ARG A 1 50 ? -7.857  -0.944  -5.762  1.00 32.72 ? 47  ARG A CA  1 
ATOM   348 C  C   . ARG A 1 50 ? -8.009  -2.451  -5.964  1.00 30.74 ? 47  ARG A C   1 
ATOM   349 O  O   . ARG A 1 50 ? -9.037  -3.025  -5.616  1.00 31.23 ? 47  ARG A O   1 
ATOM   350 C  CB  . ARG A 1 50 ? -8.491  -0.175  -6.926  1.00 35.84 ? 47  ARG A CB  1 
ATOM   351 C  CG  . ARG A 1 50 ? -8.953  1.216   -6.511  1.00 42.26 ? 47  ARG A CG  1 
ATOM   352 C  CD  . ARG A 1 50 ? -9.571  2.006   -7.658  1.00 48.21 ? 47  ARG A CD  1 
ATOM   353 N  NE  . ARG A 1 50 ? -10.144 3.265   -7.180  1.00 52.50 ? 47  ARG A NE  1 
ATOM   354 C  CZ  . ARG A 1 50 ? -10.619 4.223   -7.969  1.00 54.68 ? 47  ARG A CZ  1 
ATOM   355 N  NH1 . ARG A 1 50 ? -10.591 4.078   -9.286  1.00 56.48 ? 47  ARG A NH1 1 
ATOM   356 N  NH2 . ARG A 1 50 ? -11.120 5.331   -7.437  1.00 55.66 ? 47  ARG A NH2 1 
ATOM   357 N  N   . GLN A 1 51 ? -6.978  -3.088  -6.512  1.00 29.23 ? 48  GLN A N   1 
ATOM   358 C  CA  . GLN A 1 51 ? -6.997  -4.536  -6.737  1.00 30.52 ? 48  GLN A CA  1 
ATOM   359 C  C   . GLN A 1 51 ? -6.859  -5.320  -5.428  1.00 29.46 ? 48  GLN A C   1 
ATOM   360 O  O   . GLN A 1 51 ? -7.345  -6.449  -5.312  1.00 30.51 ? 48  GLN A O   1 
ATOM   361 C  CB  . GLN A 1 51 ? -5.839  -4.941  -7.656  1.00 29.28 ? 48  GLN A CB  1 
ATOM   362 C  CG  . GLN A 1 51 ? -5.952  -4.456  -9.082  1.00 28.48 ? 48  GLN A CG  1 
ATOM   363 C  CD  . GLN A 1 51 ? -4.661  -4.639  -9.863  1.00 30.24 ? 48  GLN A CD  1 
ATOM   364 O  OE1 . GLN A 1 51 ? -3.769  -5.391  -9.454  1.00 30.25 ? 48  GLN A OE1 1 
ATOM   365 N  NE2 . GLN A 1 51 ? -4.558  -3.958  -10.998 1.00 28.95 ? 48  GLN A NE2 1 
ATOM   366 N  N   . HIS A 1 52 ? -6.197  -4.710  -4.450  1.00 28.52 ? 49  HIS A N   1 
ATOM   367 C  CA  . HIS A 1 52 ? -5.925  -5.348  -3.162  1.00 28.39 ? 49  HIS A CA  1 
ATOM   368 C  C   . HIS A 1 52 ? -6.782  -4.876  -1.990  1.00 29.34 ? 49  HIS A C   1 
ATOM   369 O  O   . HIS A 1 52 ? -6.887  -5.563  -0.979  1.00 29.76 ? 49  HIS A O   1 
ATOM   370 C  CB  . HIS A 1 52 ? -4.439  -5.165  -2.845  1.00 26.47 ? 49  HIS A CB  1 
ATOM   371 C  CG  . HIS A 1 52 ? -3.539  -5.721  -3.905  1.00 24.58 ? 49  HIS A CG  1 
ATOM   372 N  ND1 . HIS A 1 52 ? -3.292  -7.069  -4.032  1.00 24.89 ? 49  HIS A ND1 1 
ATOM   373 C  CD2 . HIS A 1 52 ? -2.895  -5.123  -4.934  1.00 24.97 ? 49  HIS A CD2 1 
ATOM   374 C  CE1 . HIS A 1 52 ? -2.537  -7.280  -5.095  1.00 26.25 ? 49  HIS A CE1 1 
ATOM   375 N  NE2 . HIS A 1 52 ? -2.283  -6.115  -5.662  1.00 25.96 ? 49  HIS A NE2 1 
ATOM   376 N  N   . PHE A 1 53 ? -7.381  -3.700  -2.129  1.00 30.90 ? 50  PHE A N   1 
ATOM   377 C  CA  . PHE A 1 53 ? -8.248  -3.136  -1.098  1.00 33.17 ? 50  PHE A CA  1 
ATOM   378 C  C   . PHE A 1 53 ? -9.521  -2.746  -1.856  1.00 34.36 ? 50  PHE A C   1 
ATOM   379 O  O   . PHE A 1 53 ? -9.746  -1.578  -2.160  1.00 35.67 ? 50  PHE A O   1 
ATOM   380 C  CB  . PHE A 1 53 ? -7.561  -1.915  -0.466  1.00 31.08 ? 50  PHE A CB  1 
ATOM   381 C  CG  . PHE A 1 53 ? -6.283  -2.251  0.272   1.00 30.80 ? 50  PHE A CG  1 
ATOM   382 C  CD1 . PHE A 1 53 ? -6.324  -2.791  1.555   1.00 31.74 ? 50  PHE A CD1 1 
ATOM   383 C  CD2 . PHE A 1 53 ? -5.040  -2.056  -0.329  1.00 30.91 ? 50  PHE A CD2 1 
ATOM   384 C  CE1 . PHE A 1 53 ? -5.146  -3.135  2.231   1.00 29.75 ? 50  PHE A CE1 1 
ATOM   385 C  CE2 . PHE A 1 53 ? -3.855  -2.399  0.339   1.00 30.17 ? 50  PHE A CE2 1 
ATOM   386 C  CZ  . PHE A 1 53 ? -3.911  -2.938  1.621   1.00 28.91 ? 50  PHE A CZ  1 
ATOM   387 N  N   . PRO A 1 54 ? -10.361 -3.744  -2.183  1.00 37.59 ? 51  PRO A N   1 
ATOM   388 C  CA  . PRO A 1 54 ? -11.624 -3.605  -2.918  1.00 40.53 ? 51  PRO A CA  1 
ATOM   389 C  C   . PRO A 1 54 ? -12.668 -2.636  -2.368  1.00 41.42 ? 51  PRO A C   1 
ATOM   390 O  O   . PRO A 1 54 ? -13.534 -2.179  -3.111  1.00 42.65 ? 51  PRO A O   1 
ATOM   391 C  CB  . PRO A 1 54 ? -12.138 -5.044  -2.992  1.00 40.12 ? 51  PRO A CB  1 
ATOM   392 C  CG  . PRO A 1 54 ? -11.629 -5.642  -1.733  1.00 40.86 ? 51  PRO A CG  1 
ATOM   393 C  CD  . PRO A 1 54 ? -10.212 -5.120  -1.674  1.00 39.11 ? 51  PRO A CD  1 
ATOM   394 N  N   . ASN A 1 55 ? -12.588 -2.324  -1.079  1.00 41.82 ? 52  ASN A N   1 
ATOM   395 C  CA  . ASN A 1 55 ? -13.538 -1.402  -0.459  1.00 42.11 ? 52  ASN A CA  1 
ATOM   396 C  C   . ASN A 1 55 ? -12.891 -0.040  -0.206  1.00 41.36 ? 52  ASN A C   1 
ATOM   397 O  O   . ASN A 1 55 ? -13.490 0.843   0.406   1.00 39.17 ? 52  ASN A O   1 
ATOM   398 C  CB  . ASN A 1 55 ? -14.052 -1.997  0.854   1.00 44.30 ? 52  ASN A CB  1 
ATOM   399 C  CG  . ASN A 1 55 ? -15.001 -3.164  0.632   1.00 47.50 ? 52  ASN A CG  1 
ATOM   400 O  OD1 . ASN A 1 55 ? -15.046 -4.106  1.425   1.00 49.58 ? 52  ASN A OD1 1 
ATOM   401 N  ND2 . ASN A 1 55 ? -15.778 -3.096  -0.445  1.00 48.89 ? 52  ASN A ND2 1 
HETATM 402 N  N   . MSE A 1 56 ? -11.669 0.125   -0.701  1.00 41.40 ? 53  MSE A N   1 
HETATM 403 C  CA  . MSE A 1 56 ? -10.915 1.363   -0.515  1.00 42.96 ? 53  MSE A CA  1 
HETATM 404 C  C   . MSE A 1 56 ? -11.532 2.644   -1.092  1.00 40.32 ? 53  MSE A C   1 
HETATM 405 O  O   . MSE A 1 56 ? -11.431 3.712   -0.483  1.00 37.15 ? 53  MSE A O   1 
HETATM 406 C  CB  . MSE A 1 56 ? -9.493  1.182   -1.056  1.00 51.20 ? 53  MSE A CB  1 
HETATM 407 C  CG  . MSE A 1 56 ? -8.626  2.422   -0.974  1.00 61.74 ? 53  MSE A CG  1 
HETATM 408 SE SE  . MSE A 1 56 ? -8.797  3.560   -2.521  1.00 79.61 ? 53  MSE A SE  1 
HETATM 409 C  CE  . MSE A 1 56 ? -6.937  3.586   -3.055  1.00 72.48 ? 53  MSE A CE  1 
ATOM   410 N  N   . PRO A 1 57 ? -12.172 2.565   -2.271  1.00 38.77 ? 54  PRO A N   1 
ATOM   411 C  CA  . PRO A 1 57 ? -12.761 3.788   -2.831  1.00 38.16 ? 54  PRO A CA  1 
ATOM   412 C  C   . PRO A 1 57 ? -13.639 4.542   -1.832  1.00 36.14 ? 54  PRO A C   1 
ATOM   413 O  O   . PRO A 1 57 ? -13.551 5.761   -1.699  1.00 34.78 ? 54  PRO A O   1 
ATOM   414 C  CB  . PRO A 1 57 ? -13.557 3.266   -4.027  1.00 39.02 ? 54  PRO A CB  1 
ATOM   415 C  CG  . PRO A 1 57 ? -12.726 2.102   -4.482  1.00 39.19 ? 54  PRO A CG  1 
ATOM   416 C  CD  . PRO A 1 57 ? -12.396 1.418   -3.171  1.00 39.52 ? 54  PRO A CD  1 
HETATM 417 N  N   . MSE A 1 58 ? -14.480 3.804   -1.124  1.00 35.25 ? 55  MSE A N   1 
HETATM 418 C  CA  . MSE A 1 58 ? -15.370 4.412   -0.145  1.00 36.12 ? 55  MSE A CA  1 
HETATM 419 C  C   . MSE A 1 58 ? -14.783 4.514   1.257   1.00 33.99 ? 55  MSE A C   1 
HETATM 420 O  O   . MSE A 1 58 ? -14.912 5.543   1.908   1.00 34.65 ? 55  MSE A O   1 
HETATM 421 C  CB  . MSE A 1 58 ? -16.680 3.625   -0.065  1.00 36.34 ? 55  MSE A CB  1 
HETATM 422 C  CG  . MSE A 1 58 ? -17.530 3.949   1.158   1.00 38.88 ? 55  MSE A CG  1 
HETATM 423 SE SE  . MSE A 1 58 ? -18.219 5.766   1.180   1.00 42.50 ? 55  MSE A SE  1 
HETATM 424 C  CE  . MSE A 1 58 ? -19.853 5.451   0.190   1.00 36.61 ? 55  MSE A CE  1 
ATOM   425 N  N   . HIS A 1 59 ? -14.125 3.449   1.707   1.00 32.10 ? 56  HIS A N   1 
ATOM   426 C  CA  . HIS A 1 59 ? -13.592 3.400   3.065   1.00 30.88 ? 56  HIS A CA  1 
ATOM   427 C  C   . HIS A 1 59 ? -12.119 3.707   3.313   1.00 30.85 ? 56  HIS A C   1 
ATOM   428 O  O   . HIS A 1 59 ? -11.722 3.916   4.462   1.00 29.80 ? 56  HIS A O   1 
ATOM   429 C  CB  . HIS A 1 59 ? -13.905 2.033   3.670   1.00 30.51 ? 56  HIS A CB  1 
ATOM   430 C  CG  . HIS A 1 59 ? -15.363 1.698   3.667   1.00 30.80 ? 56  HIS A CG  1 
ATOM   431 N  ND1 . HIS A 1 59 ? -16.011 1.194   2.558   1.00 32.22 ? 56  HIS A ND1 1 
ATOM   432 C  CD2 . HIS A 1 59 ? -16.308 1.821   4.630   1.00 29.26 ? 56  HIS A CD2 1 
ATOM   433 C  CE1 . HIS A 1 59 ? -17.291 1.022   2.840   1.00 29.20 ? 56  HIS A CE1 1 
ATOM   434 N  NE2 . HIS A 1 59 ? -17.498 1.394   4.090   1.00 31.56 ? 56  HIS A NE2 1 
ATOM   435 N  N   . GLY A 1 60 ? -11.312 3.728   2.261   1.00 30.03 ? 57  GLY A N   1 
ATOM   436 C  CA  . GLY A 1 60 ? -9.894  3.987   2.444   1.00 31.23 ? 57  GLY A CA  1 
ATOM   437 C  C   . GLY A 1 60 ? -9.216  2.719   2.931   1.00 30.15 ? 57  GLY A C   1 
ATOM   438 O  O   . GLY A 1 60 ? -9.687  1.621   2.636   1.00 29.56 ? 57  GLY A O   1 
ATOM   439 N  N   . ILE A 1 61 ? -8.128  2.866   3.686   1.00 30.75 ? 58  ILE A N   1 
ATOM   440 C  CA  . ILE A 1 61 ? -7.383  1.720   4.206   1.00 28.94 ? 58  ILE A CA  1 
ATOM   441 C  C   . ILE A 1 61 ? -7.256  1.784   5.735   1.00 29.69 ? 58  ILE A C   1 
ATOM   442 O  O   . ILE A 1 61 ? -6.688  2.723   6.284   1.00 28.82 ? 58  ILE A O   1 
ATOM   443 C  CB  . ILE A 1 61 ? -5.977  1.665   3.569   1.00 30.30 ? 58  ILE A CB  1 
ATOM   444 C  CG1 . ILE A 1 61 ? -6.103  1.527   2.045   1.00 29.92 ? 58  ILE A CG1 1 
ATOM   445 C  CG2 . ILE A 1 61 ? -5.186  0.494   4.138   1.00 30.47 ? 58  ILE A CG2 1 
ATOM   446 C  CD1 . ILE A 1 61 ? -4.769  1.589   1.315   1.00 32.50 ? 58  ILE A CD1 1 
ATOM   447 N  N   . SER A 1 62 ? -7.776  0.766   6.410   1.00 31.22 ? 59  SER A N   1 
ATOM   448 C  CA  . SER A 1 62 ? -7.763  0.713   7.870   1.00 33.74 ? 59  SER A CA  1 
ATOM   449 C  C   . SER A 1 62 ? -6.403  0.486   8.523   1.00 33.03 ? 59  SER A C   1 
ATOM   450 O  O   . SER A 1 62 ? -5.621  -0.349  8.080   1.00 31.12 ? 59  SER A O   1 
ATOM   451 C  CB  . SER A 1 62 ? -8.719  -0.376  8.355   1.00 34.98 ? 59  SER A CB  1 
ATOM   452 O  OG  . SER A 1 62 ? -8.567  -0.585  9.748   1.00 37.63 ? 59  SER A OG  1 
ATOM   453 N  N   . ARG A 1 63 ? -6.134  1.220   9.599   1.00 33.89 ? 60  ARG A N   1 
ATOM   454 C  CA  . ARG A 1 63 ? -4.874  1.050   10.304  1.00 35.67 ? 60  ARG A CA  1 
ATOM   455 C  C   . ARG A 1 63 ? -4.869  -0.316  10.990  1.00 35.09 ? 60  ARG A C   1 
ATOM   456 O  O   . ARG A 1 63 ? -3.819  -0.809  11.390  1.00 34.77 ? 60  ARG A O   1 
ATOM   457 C  CB  . ARG A 1 63 ? -4.663  2.164   11.339  1.00 38.40 ? 60  ARG A CB  1 
ATOM   458 C  CG  . ARG A 1 63 ? -5.609  2.142   12.521  1.00 42.25 ? 60  ARG A CG  1 
ATOM   459 C  CD  . ARG A 1 63 ? -5.210  3.207   13.543  1.00 45.46 ? 60  ARG A CD  1 
ATOM   460 N  NE  . ARG A 1 63 ? -6.098  3.206   14.701  1.00 49.42 ? 60  ARG A NE  1 
ATOM   461 C  CZ  . ARG A 1 63 ? -6.016  4.064   15.713  1.00 49.95 ? 60  ARG A CZ  1 
ATOM   462 N  NH1 . ARG A 1 63 ? -5.080  5.005   15.720  1.00 51.96 ? 60  ARG A NH1 1 
ATOM   463 N  NH2 . ARG A 1 63 ? -6.878  3.986   16.716  1.00 51.86 ? 60  ARG A NH2 1 
ATOM   464 N  N   . ASP A 1 64 ? -6.047  -0.926  11.118  1.00 36.00 ? 61  ASP A N   1 
ATOM   465 C  CA  . ASP A 1 64 ? -6.150  -2.241  11.743  1.00 37.48 ? 61  ASP A CA  1 
ATOM   466 C  C   . ASP A 1 64 ? -6.167  -3.374  10.714  1.00 37.07 ? 61  ASP A C   1 
ATOM   467 O  O   . ASP A 1 64 ? -6.182  -4.547  11.079  1.00 37.46 ? 61  ASP A O   1 
ATOM   468 C  CB  . ASP A 1 64 ? -7.408  -2.336  12.613  1.00 38.77 ? 61  ASP A CB  1 
ATOM   469 C  CG  . ASP A 1 64 ? -7.409  -1.339  13.757  1.00 41.06 ? 61  ASP A CG  1 
ATOM   470 O  OD1 . ASP A 1 64 ? -6.347  -1.134  14.382  1.00 41.61 ? 61  ASP A OD1 1 
ATOM   471 O  OD2 . ASP A 1 64 ? -8.480  -0.762  14.040  1.00 43.91 ? 61  ASP A OD2 1 
ATOM   472 N  N   . SER A 1 65 ? -6.175  -3.028  9.431   1.00 34.94 ? 62  SER A N   1 
ATOM   473 C  CA  . SER A 1 65 ? -6.183  -4.048  8.384   1.00 34.53 ? 62  SER A CA  1 
ATOM   474 C  C   . SER A 1 65 ? -4.930  -4.913  8.465   1.00 34.26 ? 62  SER A C   1 
ATOM   475 O  O   . SER A 1 65 ? -3.811  -4.398  8.465   1.00 32.98 ? 62  SER A O   1 
ATOM   476 C  CB  . SER A 1 65 ? -6.247  -3.404  7.000   1.00 33.55 ? 62  SER A CB  1 
ATOM   477 O  OG  . SER A 1 65 ? -5.909  -4.360  6.008   1.00 32.90 ? 62  SER A OG  1 
ATOM   478 N  N   . GLU A 1 66 ? -5.119  -6.227  8.521   1.00 33.84 ? 63  GLU A N   1 
ATOM   479 C  CA  . GLU A 1 66 ? -3.989  -7.147  8.606   1.00 33.38 ? 63  GLU A CA  1 
ATOM   480 C  C   . GLU A 1 66 ? -3.100  -7.016  7.372   1.00 31.45 ? 63  GLU A C   1 
ATOM   481 O  O   . GLU A 1 66 ? -1.874  -7.062  7.469   1.00 29.37 ? 63  GLU A O   1 
ATOM   482 C  CB  . GLU A 1 66 ? -4.488  -8.589  8.725   1.00 37.34 ? 63  GLU A CB  1 
ATOM   483 C  CG  . GLU A 1 66 ? -3.431  -9.580  9.195   1.00 43.78 ? 63  GLU A CG  1 
ATOM   484 C  CD  . GLU A 1 66 ? -3.906  -11.020 9.102   1.00 48.00 ? 63  GLU A CD  1 
ATOM   485 O  OE1 . GLU A 1 66 ? -5.060  -11.291 9.493   1.00 51.69 ? 63  GLU A OE1 1 
ATOM   486 O  OE2 . GLU A 1 66 ? -3.126  -11.884 8.646   1.00 50.34 ? 63  GLU A OE2 1 
ATOM   487 N  N   . LEU A 1 67 ? -3.722  -6.851  6.208   1.00 29.87 ? 64  LEU A N   1 
ATOM   488 C  CA  . LEU A 1 67 ? -2.967  -6.715  4.969   1.00 28.76 ? 64  LEU A CA  1 
ATOM   489 C  C   . LEU A 1 67 ? -2.190  -5.399  4.952   1.00 26.84 ? 64  LEU A C   1 
ATOM   490 O  O   . LEU A 1 67 ? -1.017  -5.372  4.585   1.00 27.26 ? 64  LEU A O   1 
ATOM   491 C  CB  . LEU A 1 67 ? -3.908  -6.784  3.760   1.00 29.78 ? 64  LEU A CB  1 
ATOM   492 C  CG  . LEU A 1 67 ? -3.260  -6.647  2.375   1.00 30.01 ? 64  LEU A CG  1 
ATOM   493 C  CD1 . LEU A 1 67 ? -2.202  -7.736  2.181   1.00 30.27 ? 64  LEU A CD1 1 
ATOM   494 C  CD2 . LEU A 1 67 ? -4.336  -6.759  1.296   1.00 32.65 ? 64  LEU A CD2 1 
ATOM   495 N  N   . ALA A 1 68 ? -2.848  -4.314  5.350   1.00 26.46 ? 65  ALA A N   1 
ATOM   496 C  CA  . ALA A 1 68 ? -2.209  -2.995  5.384   1.00 26.92 ? 65  ALA A CA  1 
ATOM   497 C  C   . ALA A 1 68 ? -1.000  -3.010  6.321   1.00 27.16 ? 65  ALA A C   1 
ATOM   498 O  O   . ALA A 1 68 ? 0.063   -2.476  5.994   1.00 25.92 ? 65  ALA A O   1 
ATOM   499 C  CB  . ALA A 1 68 ? -3.208  -1.939  5.845   1.00 27.04 ? 65  ALA A CB  1 
ATOM   500 N  N   . ILE A 1 69 ? -1.173  -3.616  7.493   1.00 26.96 ? 66  ILE A N   1 
ATOM   501 C  CA  . ILE A 1 69 ? -0.093  -3.707  8.469   1.00 27.28 ? 66  ILE A CA  1 
ATOM   502 C  C   . ILE A 1 69 ? 1.106   -4.443  7.877   1.00 27.18 ? 66  ILE A C   1 
ATOM   503 O  O   . ILE A 1 69 ? 2.239   -3.987  8.002   1.00 25.75 ? 66  ILE A O   1 
ATOM   504 C  CB  . ILE A 1 69 ? -0.579  -4.427  9.754   1.00 29.60 ? 66  ILE A CB  1 
ATOM   505 C  CG1 . ILE A 1 69 ? -1.594  -3.535  10.482  1.00 28.98 ? 66  ILE A CG1 1 
ATOM   506 C  CG2 . ILE A 1 69 ? 0.612   -4.759  10.669  1.00 31.42 ? 66  ILE A CG2 1 
ATOM   507 C  CD1 . ILE A 1 69 ? -2.269  -4.200  11.671  1.00 33.48 ? 66  ILE A CD1 1 
ATOM   508 N  N   . GLU A 1 70 ? 0.858   -5.579  7.228   1.00 26.51 ? 67  GLU A N   1 
ATOM   509 C  CA  . GLU A 1 70 ? 1.941   -6.346  6.616   1.00 27.05 ? 67  GLU A CA  1 
ATOM   510 C  C   . GLU A 1 70 ? 2.550   -5.574  5.450   1.00 26.42 ? 67  GLU A C   1 
ATOM   511 O  O   . GLU A 1 70 ? 3.761   -5.617  5.224   1.00 26.62 ? 67  GLU A O   1 
ATOM   512 C  CB  . GLU A 1 70 ? 1.429   -7.704  6.122   1.00 30.40 ? 67  GLU A CB  1 
ATOM   513 C  CG  . GLU A 1 70 ? 1.014   -8.659  7.234   1.00 34.68 ? 67  GLU A CG  1 
ATOM   514 C  CD  . GLU A 1 70 ? 2.119   -8.884  8.260   1.00 36.34 ? 67  GLU A CD  1 
ATOM   515 O  OE1 . GLU A 1 70 ? 3.302   -8.965  7.869   1.00 35.98 ? 67  GLU A OE1 1 
ATOM   516 O  OE2 . GLU A 1 70 ? 1.800   -8.991  9.461   1.00 39.05 ? 67  GLU A OE2 1 
ATOM   517 N  N   . LEU A 1 71 ? 1.707   -4.866  4.707   1.00 26.91 ? 68  LEU A N   1 
ATOM   518 C  CA  . LEU A 1 71 ? 2.186   -4.076  3.575   1.00 25.08 ? 68  LEU A CA  1 
ATOM   519 C  C   . LEU A 1 71 ? 3.096   -2.959  4.072   1.00 24.50 ? 68  LEU A C   1 
ATOM   520 O  O   . LEU A 1 71 ? 4.114   -2.660  3.459   1.00 25.22 ? 68  LEU A O   1 
ATOM   521 C  CB  . LEU A 1 71 ? 1.012   -3.473  2.805   1.00 24.31 ? 68  LEU A CB  1 
ATOM   522 C  CG  . LEU A 1 71 ? 1.398   -2.609  1.594   1.00 23.95 ? 68  LEU A CG  1 
ATOM   523 C  CD1 . LEU A 1 71 ? 2.297   -3.399  0.649   1.00 22.92 ? 68  LEU A CD1 1 
ATOM   524 C  CD2 . LEU A 1 71 ? 0.130   -2.160  0.868   1.00 23.58 ? 68  LEU A CD2 1 
ATOM   525 N  N   . ARG A 1 72 ? 2.719   -2.338  5.184   1.00 26.73 ? 69  ARG A N   1 
ATOM   526 C  CA  . ARG A 1 72 ? 3.524   -1.266  5.765   1.00 27.01 ? 69  ARG A CA  1 
ATOM   527 C  C   . ARG A 1 72 ? 4.923   -1.786  6.086   1.00 27.57 ? 69  ARG A C   1 
ATOM   528 O  O   . ARG A 1 72 ? 5.922   -1.124  5.801   1.00 26.29 ? 69  ARG A O   1 
ATOM   529 C  CB  . ARG A 1 72 ? 2.865   -0.745  7.043   1.00 29.06 ? 69  ARG A CB  1 
ATOM   530 C  CG  . ARG A 1 72 ? 3.679   0.307   7.794   1.00 32.53 ? 69  ARG A CG  1 
ATOM   531 C  CD  . ARG A 1 72 ? 2.940   0.757   9.051   1.00 34.97 ? 69  ARG A CD  1 
ATOM   532 N  NE  . ARG A 1 72 ? 2.795   -0.328  10.019  1.00 37.51 ? 69  ARG A NE  1 
ATOM   533 C  CZ  . ARG A 1 72 ? 1.940   -0.313  11.038  1.00 39.43 ? 69  ARG A CZ  1 
ATOM   534 N  NH1 . ARG A 1 72 ? 1.145   0.730   11.220  1.00 38.47 ? 69  ARG A NH1 1 
ATOM   535 N  NH2 . ARG A 1 72 ? 1.885   -1.337  11.882  1.00 39.68 ? 69  ARG A NH2 1 
ATOM   536 N  N   . GLY A 1 73 ? 4.986   -2.977  6.679   1.00 28.25 ? 70  GLY A N   1 
ATOM   537 C  CA  . GLY A 1 73 ? 6.268   -3.569  7.021   1.00 29.40 ? 70  GLY A CA  1 
ATOM   538 C  C   . GLY A 1 73 ? 7.072   -3.975  5.797   1.00 28.83 ? 70  GLY A C   1 
ATOM   539 O  O   . GLY A 1 73 ? 8.278   -3.741  5.735   1.00 28.57 ? 70  GLY A O   1 
ATOM   540 N  N   . ALA A 1 74 ? 6.403   -4.584  4.823   1.00 29.99 ? 71  ALA A N   1 
ATOM   541 C  CA  . ALA A 1 74 ? 7.060   -5.019  3.595   1.00 28.59 ? 71  ALA A CA  1 
ATOM   542 C  C   . ALA A 1 74 ? 7.631   -3.826  2.829   1.00 29.05 ? 71  ALA A C   1 
ATOM   543 O  O   . ALA A 1 74 ? 8.723   -3.914  2.262   1.00 28.73 ? 71  ALA A O   1 
ATOM   544 C  CB  . ALA A 1 74 ? 6.072   -5.780  2.715   1.00 30.07 ? 71  ALA A CB  1 
ATOM   545 N  N   . LEU A 1 75 ? 6.896   -2.717  2.797   1.00 26.57 ? 72  LEU A N   1 
ATOM   546 C  CA  . LEU A 1 75 ? 7.375   -1.531  2.091   1.00 27.69 ? 72  LEU A CA  1 
ATOM   547 C  C   . LEU A 1 75 ? 8.593   -0.929  2.785   1.00 27.79 ? 72  LEU A C   1 
ATOM   548 O  O   . LEU A 1 75 ? 9.551   -0.519  2.130   1.00 28.77 ? 72  LEU A O   1 
ATOM   549 C  CB  . LEU A 1 75 ? 6.270   -0.473  1.998   1.00 26.27 ? 72  LEU A CB  1 
ATOM   550 C  CG  . LEU A 1 75 ? 5.154   -0.741  0.982   1.00 27.45 ? 72  LEU A CG  1 
ATOM   551 C  CD1 . LEU A 1 75 ? 4.063   0.314   1.133   1.00 26.15 ? 72  LEU A CD1 1 
ATOM   552 C  CD2 . LEU A 1 75 ? 5.729   -0.723  -0.429  1.00 26.24 ? 72  LEU A CD2 1 
ATOM   553 N  N   . ARG A 1 76 ? 8.548   -0.879  4.111   1.00 29.26 ? 73  ARG A N   1 
ATOM   554 C  CA  . ARG A 1 76 ? 9.653   -0.323  4.884   1.00 32.15 ? 73  ARG A CA  1 
ATOM   555 C  C   . ARG A 1 76 ? 10.928  -1.115  4.626   1.00 34.04 ? 73  ARG A C   1 
ATOM   556 O  O   . ARG A 1 76 ? 11.987  -0.535  4.370   1.00 34.12 ? 73  ARG A O   1 
ATOM   557 C  CB  . ARG A 1 76 ? 9.330   -0.339  6.381   1.00 33.98 ? 73  ARG A CB  1 
ATOM   558 C  CG  . ARG A 1 76 ? 10.449  0.235   7.252   1.00 36.87 ? 73  ARG A CG  1 
ATOM   559 C  CD  . ARG A 1 76 ? 10.086  0.264   8.732   1.00 39.56 ? 73  ARG A CD  1 
ATOM   560 N  NE  . ARG A 1 76 ? 9.828   -1.070  9.266   1.00 42.93 ? 73  ARG A NE  1 
ATOM   561 C  CZ  . ARG A 1 76 ? 8.622   -1.528  9.584   1.00 44.63 ? 73  ARG A CZ  1 
ATOM   562 N  NH1 . ARG A 1 76 ? 7.552   -0.756  9.425   1.00 45.27 ? 73  ARG A NH1 1 
ATOM   563 N  NH2 . ARG A 1 76 ? 8.483   -2.760  10.053  1.00 45.30 ? 73  ARG A NH2 1 
ATOM   564 N  N   . ARG A 1 77 ? 10.831  -2.439  4.700   1.00 33.84 ? 74  ARG A N   1 
ATOM   565 C  CA  . ARG A 1 77 ? 11.998  -3.279  4.461   1.00 37.06 ? 74  ARG A CA  1 
ATOM   566 C  C   . ARG A 1 77 ? 12.473  -3.163  3.014   1.00 37.47 ? 74  ARG A C   1 
ATOM   567 O  O   . ARG A 1 77 ? 13.674  -3.147  2.756   1.00 36.93 ? 74  ARG A O   1 
ATOM   568 C  CB  . ARG A 1 77 ? 11.688  -4.742  4.795   1.00 39.13 ? 74  ARG A CB  1 
ATOM   569 C  CG  . ARG A 1 77 ? 11.618  -5.041  6.291   1.00 40.11 ? 74  ARG A CG  1 
ATOM   570 C  CD  . ARG A 1 77 ? 11.470  -6.543  6.543   1.00 43.51 ? 74  ARG A CD  1 
ATOM   571 N  NE  . ARG A 1 77 ? 10.161  -7.051  6.140   1.00 43.95 ? 74  ARG A NE  1 
ATOM   572 C  CZ  . ARG A 1 77 ? 9.034   -6.832  6.813   1.00 44.33 ? 74  ARG A CZ  1 
ATOM   573 N  NH1 . ARG A 1 77 ? 9.052   -6.113  7.929   1.00 42.94 ? 74  ARG A NH1 1 
ATOM   574 N  NH2 . ARG A 1 77 ? 7.887   -7.329  6.366   1.00 43.57 ? 74  ARG A NH2 1 
ATOM   575 N  N   . ALA A 1 78 ? 11.535  -3.064  2.074   1.00 35.98 ? 75  ALA A N   1 
ATOM   576 C  CA  . ALA A 1 78 ? 11.896  -2.947  0.663   1.00 37.66 ? 75  ALA A CA  1 
ATOM   577 C  C   . ALA A 1 78 ? 12.725  -1.692  0.390   1.00 39.22 ? 75  ALA A C   1 
ATOM   578 O  O   . ALA A 1 78 ? 13.745  -1.747  -0.300  1.00 38.21 ? 75  ALA A O   1 
ATOM   579 C  CB  . ALA A 1 78 ? 10.642  -2.941  -0.202  1.00 36.14 ? 75  ALA A CB  1 
ATOM   580 N  N   . VAL A 1 79 ? 12.277  -0.560  0.925   1.00 41.45 ? 76  VAL A N   1 
ATOM   581 C  CA  . VAL A 1 79 ? 12.979  0.704   0.737   1.00 44.92 ? 76  VAL A CA  1 
ATOM   582 C  C   . VAL A 1 79 ? 14.382  0.627   1.325   1.00 48.07 ? 76  VAL A C   1 
ATOM   583 O  O   . VAL A 1 79 ? 15.343  1.102   0.722   1.00 49.10 ? 76  VAL A O   1 
ATOM   584 C  CB  . VAL A 1 79 ? 12.222  1.873   1.409   1.00 44.52 ? 76  VAL A CB  1 
ATOM   585 C  CG1 . VAL A 1 79 ? 13.063  3.145   1.357   1.00 44.61 ? 76  VAL A CG1 1 
ATOM   586 C  CG2 . VAL A 1 79 ? 10.888  2.096   0.710   1.00 43.55 ? 76  VAL A CG2 1 
ATOM   587 N  N   . HIS A 1 80 ? 14.493  0.015   2.500   1.00 51.16 ? 77  HIS A N   1 
ATOM   588 C  CA  . HIS A 1 80 ? 15.780  -0.118  3.167   1.00 55.47 ? 77  HIS A CA  1 
ATOM   589 C  C   . HIS A 1 80 ? 16.646  -1.231  2.575   1.00 57.28 ? 77  HIS A C   1 
ATOM   590 O  O   . HIS A 1 80 ? 17.834  -1.021  2.324   1.00 58.71 ? 77  HIS A O   1 
ATOM   591 C  CB  . HIS A 1 80 ? 15.571  -0.341  4.667   1.00 55.88 ? 77  HIS A CB  1 
ATOM   592 C  CG  . HIS A 1 80 ? 14.982  0.842   5.371   1.00 57.25 ? 77  HIS A CG  1 
ATOM   593 N  ND1 . HIS A 1 80 ? 15.601  2.073   5.401   1.00 58.79 ? 77  HIS A ND1 1 
ATOM   594 C  CD2 . HIS A 1 80 ? 13.817  0.993   6.045   1.00 57.92 ? 77  HIS A CD2 1 
ATOM   595 C  CE1 . HIS A 1 80 ? 14.843  2.931   6.060   1.00 58.72 ? 77  HIS A CE1 1 
ATOM   596 N  NE2 . HIS A 1 80 ? 13.753  2.301   6.461   1.00 58.29 ? 77  HIS A NE2 1 
ATOM   597 N  N   . GLN A 1 81 ? 16.066  -2.408  2.348   1.00 59.15 ? 78  GLN A N   1 
ATOM   598 C  CA  . GLN A 1 81 ? 16.827  -3.517  1.771   1.00 60.86 ? 78  GLN A CA  1 
ATOM   599 C  C   . GLN A 1 81 ? 17.568  -3.010  0.538   1.00 62.04 ? 78  GLN A C   1 
ATOM   600 O  O   . GLN A 1 81 ? 18.819  -3.049  0.542   1.00 63.15 ? 78  GLN A O   1 
ATOM   601 C  CB  . GLN A 1 81 ? 15.905  -4.675  1.368   1.00 60.94 ? 78  GLN A CB  1 
ATOM   602 C  CG  . GLN A 1 81 ? 15.243  -5.414  2.529   1.00 62.01 ? 78  GLN A CG  1 
ATOM   603 C  CD  . GLN A 1 81 ? 14.377  -6.577  2.065   1.00 62.92 ? 78  GLN A CD  1 
ATOM   604 O  OE1 . GLN A 1 81 ? 13.588  -6.448  1.125   1.00 63.17 ? 78  GLN A OE1 1 
ATOM   605 N  NE2 . GLN A 1 81 ? 14.512  -7.718  2.732   1.00 62.95 ? 78  GLN A NE2 1 
HETATM 606 O  O   . HOH B 2 .  ? -10.782 -3.117  1.034   1.00 35.54 ? 83  HOH A O   1 
HETATM 607 O  O   . HOH B 2 .  ? -10.536 2.534   6.680   1.00 32.29 ? 84  HOH A O   1 
HETATM 608 O  O   . HOH B 2 .  ? -5.873  8.709   -3.875  1.00 36.86 ? 85  HOH A O   1 
HETATM 609 O  O   . HOH B 2 .  ? -1.435  -15.411 0.410   1.00 32.66 ? 86  HOH A O   1 
HETATM 610 O  O   . HOH B 2 .  ? -7.806  5.440   4.698   1.00 30.15 ? 87  HOH A O   1 
HETATM 611 O  O   . HOH B 2 .  ? 6.035   1.579   5.423   1.00 29.38 ? 88  HOH A O   1 
HETATM 612 O  O   . HOH B 2 .  ? 3.634   3.157   5.025   1.00 27.29 ? 89  HOH A O   1 
HETATM 613 O  O   . HOH B 2 .  ? -7.894  -5.075  4.246   1.00 45.46 ? 90  HOH A O   1 
HETATM 614 O  O   . HOH B 2 .  ? -10.735 -0.769  2.804   1.00 41.65 ? 91  HOH A O   1 
HETATM 615 O  O   . HOH B 2 .  ? -1.737  -4.062  -12.607 1.00 34.02 ? 92  HOH A O   1 
HETATM 616 O  O   . HOH B 2 .  ? 4.801   6.188   -6.721  1.00 30.53 ? 93  HOH A O   1 
HETATM 617 O  O   . HOH B 2 .  ? -7.916  8.576   3.777   1.00 30.44 ? 94  HOH A O   1 
HETATM 618 O  O   . HOH B 2 .  ? 3.430   5.588   -9.305  1.00 43.76 ? 95  HOH A O   1 
HETATM 619 O  O   . HOH B 2 .  ? 4.647   -13.249 -2.087  1.00 39.66 ? 96  HOH A O   1 
HETATM 620 O  O   . HOH B 2 .  ? 4.827   9.032   -7.323  1.00 34.35 ? 97  HOH A O   1 
HETATM 621 O  O   . HOH B 2 .  ? 5.007   -7.923  6.014   1.00 40.28 ? 98  HOH A O   1 
HETATM 622 O  O   . HOH B 2 .  ? 0.131   10.620  8.210   1.00 41.83 ? 99  HOH A O   1 
HETATM 623 O  O   . HOH B 2 .  ? 1.006   7.231   -11.883 1.00 43.62 ? 100 HOH A O   1 
HETATM 624 O  O   . HOH B 2 .  ? -15.615 1.235   -2.167  1.00 45.29 ? 101 HOH A O   1 
HETATM 625 O  O   . HOH B 2 .  ? -8.429  11.338  0.654   1.00 40.28 ? 102 HOH A O   1 
HETATM 626 O  O   . HOH B 2 .  ? 4.390   -5.015  -14.358 1.00 41.72 ? 103 HOH A O   1 
HETATM 627 O  O   . HOH B 2 .  ? -6.406  -7.852  5.672   1.00 42.48 ? 104 HOH A O   1 
HETATM 628 O  O   . HOH B 2 .  ? -8.639  -1.640  4.990   1.00 42.45 ? 105 HOH A O   1 
HETATM 629 O  O   . HOH B 2 .  ? 0.553   -7.890  -6.374  1.00 34.77 ? 106 HOH A O   1 
HETATM 630 O  O   . HOH B 2 .  ? -7.579  -7.601  8.868   1.00 45.03 ? 107 HOH A O   1 
HETATM 631 O  O   . HOH B 2 .  ? 7.359   10.066  -6.389  1.00 41.81 ? 108 HOH A O   1 
HETATM 632 O  O   . HOH B 2 .  ? -1.128  0.560   -11.783 1.00 38.93 ? 109 HOH A O   1 
HETATM 633 O  O   . HOH B 2 .  ? 9.339   9.656   -0.767  1.00 40.21 ? 110 HOH A O   1 
HETATM 634 O  O   . HOH B 2 .  ? -7.249  -8.092  -0.400  1.00 38.60 ? 111 HOH A O   1 
HETATM 635 O  O   . HOH B 2 .  ? 0.691   14.282  3.744   1.00 48.71 ? 112 HOH A O   1 
HETATM 636 O  O   . HOH B 2 .  ? 2.407   11.042  -7.318  1.00 46.37 ? 113 HOH A O   1 
HETATM 637 O  O   . HOH B 2 .  ? 10.197  -6.298  1.585   1.00 43.17 ? 114 HOH A O   1 
HETATM 638 O  O   . HOH B 2 .  ? -0.346  5.615   9.848   1.00 36.92 ? 115 HOH A O   1 
HETATM 639 O  O   . HOH B 2 .  ? -1.706  2.011   -14.326 1.00 46.68 ? 116 HOH A O   1 
HETATM 640 O  O   . HOH B 2 .  ? -17.108 -0.466  -0.191  1.00 46.07 ? 117 HOH A O   1 
HETATM 641 O  O   . HOH B 2 .  ? -1.654  -0.097  12.591  1.00 40.27 ? 118 HOH A O   1 
HETATM 642 O  O   . HOH B 2 .  ? -19.943 -0.096  2.005   1.00 53.60 ? 119 HOH A O   1 
HETATM 643 O  O   . HOH B 2 .  ? 5.067   10.639  5.998   1.00 46.88 ? 120 HOH A O   1 
HETATM 644 O  O   . HOH B 2 .  ? -0.158  10.243  -11.232 1.00 47.28 ? 121 HOH A O   1 
HETATM 645 O  O   . HOH B 2 .  ? 6.876   1.910   8.441   1.00 46.78 ? 122 HOH A O   1 
HETATM 646 O  O   . HOH B 2 .  ? 6.383   -14.130 0.175   1.00 47.90 ? 123 HOH A O   1 
HETATM 647 O  O   . HOH B 2 .  ? -6.092  15.247  6.113   1.00 48.15 ? 124 HOH A O   1 
HETATM 648 O  O   . HOH B 2 .  ? -7.804  6.787   -2.446  1.00 49.36 ? 125 HOH A O   1 
HETATM 649 O  O   . HOH B 2 .  ? -12.515 6.892   2.703   1.00 43.56 ? 126 HOH A O   1 
HETATM 650 O  O   . HOH B 2 .  ? 9.385   0.905   -9.367  1.00 51.33 ? 127 HOH A O   1 
HETATM 651 O  O   . HOH B 2 .  ? 3.211   3.967   7.932   1.00 47.91 ? 128 HOH A O   1 
HETATM 652 O  O   . HOH B 2 .  ? -9.674  3.377   17.007  1.00 51.99 ? 129 HOH A O   1 
HETATM 653 O  O   . HOH B 2 .  ? -5.672  4.829   -11.374 1.00 42.26 ? 130 HOH A O   1 
HETATM 654 O  O   . HOH B 2 .  ? 8.936   -6.919  -8.810  1.00 50.63 ? 131 HOH A O   1 
HETATM 655 O  O   . HOH B 2 .  ? -0.914  14.152  6.550   1.00 52.28 ? 132 HOH A O   1 
HETATM 656 O  O   . HOH B 2 .  ? -8.149  1.694   14.939  1.00 53.37 ? 133 HOH A O   1 
HETATM 657 O  O   . HOH B 2 .  ? -3.394  14.483  4.300   1.00 46.05 ? 134 HOH A O   1 
HETATM 658 O  O   . HOH B 2 .  ? -9.981  14.011  0.111   1.00 55.20 ? 135 HOH A O   1 
HETATM 659 O  O   . HOH B 2 .  ? 6.471   -12.016 -4.093  1.00 45.01 ? 136 HOH A O   1 
HETATM 660 O  O   . HOH B 2 .  ? -3.345  -13.845 6.638   1.00 49.74 ? 137 HOH A O   1 
HETATM 661 O  O   . HOH B 2 .  ? 4.733   12.919  -6.027  1.00 53.09 ? 138 HOH A O   1 
HETATM 662 O  O   . HOH B 2 .  ? 1.849   7.688   11.715  1.00 50.47 ? 139 HOH A O   1 
HETATM 663 O  O   . HOH B 2 .  ? -17.896 -1.808  -3.188  1.00 56.54 ? 140 HOH A O   1 
HETATM 664 O  O   . HOH B 2 .  ? -6.903  -2.214  -11.156 1.00 54.63 ? 141 HOH A O   1 
HETATM 665 O  O   . HOH B 2 .  ? -0.870  2.773   13.436  1.00 51.44 ? 142 HOH A O   1 
HETATM 666 O  O   . HOH B 2 .  ? 8.420   -9.947  -9.898  1.00 52.84 ? 143 HOH A O   1 
# 
